data_5G4T
# 
_entry.id   5G4T 
# 
_audit_conform.dict_name       mmcif_pdbx.dic 
_audit_conform.dict_version    5.383 
_audit_conform.dict_location   http://mmcif.pdb.org/dictionaries/ascii/mmcif_pdbx.dic 
# 
loop_
_database_2.database_id 
_database_2.database_code 
_database_2.pdbx_database_accession 
_database_2.pdbx_DOI 
PDB   5G4T         pdb_00005g4t 10.2210/pdb5g4t/pdb 
PDBE  EBI-66867    ?            ?                   
WWPDB D_1290066867 ?            ?                   
# 
loop_
_pdbx_audit_revision_history.ordinal 
_pdbx_audit_revision_history.data_content_type 
_pdbx_audit_revision_history.major_revision 
_pdbx_audit_revision_history.minor_revision 
_pdbx_audit_revision_history.revision_date 
1 'Structure model' 1 0 2016-09-28 
2 'Structure model' 1 1 2024-01-10 
# 
_pdbx_audit_revision_details.ordinal             1 
_pdbx_audit_revision_details.revision_ordinal    1 
_pdbx_audit_revision_details.data_content_type   'Structure model' 
_pdbx_audit_revision_details.provider            repository 
_pdbx_audit_revision_details.type                'Initial release' 
_pdbx_audit_revision_details.description         ? 
_pdbx_audit_revision_details.details             ? 
# 
loop_
_pdbx_audit_revision_group.ordinal 
_pdbx_audit_revision_group.revision_ordinal 
_pdbx_audit_revision_group.data_content_type 
_pdbx_audit_revision_group.group 
1 2 'Structure model' 'Data collection'        
2 2 'Structure model' 'Database references'    
3 2 'Structure model' Other                    
4 2 'Structure model' 'Refinement description' 
# 
loop_
_pdbx_audit_revision_category.ordinal 
_pdbx_audit_revision_category.revision_ordinal 
_pdbx_audit_revision_category.data_content_type 
_pdbx_audit_revision_category.category 
1 2 'Structure model' chem_comp_atom                
2 2 'Structure model' chem_comp_bond                
3 2 'Structure model' citation                      
4 2 'Structure model' database_2                    
5 2 'Structure model' pdbx_database_status          
6 2 'Structure model' pdbx_initial_refinement_model 
# 
loop_
_pdbx_audit_revision_item.ordinal 
_pdbx_audit_revision_item.revision_ordinal 
_pdbx_audit_revision_item.data_content_type 
_pdbx_audit_revision_item.item 
1 2 'Structure model' '_citation.country'                    
2 2 'Structure model' '_database_2.pdbx_DOI'                 
3 2 'Structure model' '_database_2.pdbx_database_accession'  
4 2 'Structure model' '_pdbx_database_status.status_code_sf' 
# 
_pdbx_database_status.status_code                     REL 
_pdbx_database_status.entry_id                        5G4T 
_pdbx_database_status.deposit_site                    PDBE 
_pdbx_database_status.process_site                    PDBE 
_pdbx_database_status.SG_entry                        . 
_pdbx_database_status.recvd_initial_deposition_date   2016-05-17 
_pdbx_database_status.pdb_format_compatible           Y 
_pdbx_database_status.status_code_sf                  REL 
_pdbx_database_status.status_code_mr                  ? 
_pdbx_database_status.status_code_cs                  ? 
_pdbx_database_status.methods_development_category    ? 
_pdbx_database_status.status_code_nmr_data            ? 
# 
loop_
_audit_author.name 
_audit_author.pdbx_ordinal 
'Huang, L.'      1 
'Lilley, D.M.J.' 2 
# 
_citation.id                        primary 
_citation.title                     'A Quasi-Cyclic RNA Nano-Scale Molecular Object Constructed Using Kink Turns.' 
_citation.journal_abbrev            Nanoscale 
_citation.journal_volume            8 
_citation.page_first                15189 
_citation.page_last                 ? 
_citation.year                      2016 
_citation.journal_id_ASTM           ? 
_citation.country                   UK 
_citation.journal_id_ISSN           2040-3364 
_citation.journal_id_CSD            ? 
_citation.book_publisher            ? 
_citation.pdbx_database_id_PubMed   27506301 
_citation.pdbx_database_id_DOI      10.1039/C6NR05186C 
# 
loop_
_citation_author.citation_id 
_citation_author.name 
_citation_author.ordinal 
_citation_author.identifier_ORCID 
primary 'Huang, L.'      1 ? 
primary 'Lilley, D.M.J.' 2 ? 
# 
loop_
_entity.id 
_entity.type 
_entity.src_method 
_entity.pdbx_description 
_entity.formula_weight 
_entity.pdbx_number_of_molecules 
_entity.pdbx_ec 
_entity.pdbx_mutation 
_entity.pdbx_fragment 
_entity.details 
1 polymer syn HMKT-7 3569.218 1 ? ? 'KINK TURN MOTIF' ? 
2 polymer syn HMKT-7 2621.625 1 ? ? 'KINK TURN MOTIF' ? 
# 
loop_
_entity_poly.entity_id 
_entity_poly.type 
_entity_poly.nstd_linkage 
_entity_poly.nstd_monomer 
_entity_poly.pdbx_seq_one_letter_code 
_entity_poly.pdbx_seq_one_letter_code_can 
_entity_poly.pdbx_strand_id 
_entity_poly.pdbx_target_identifier 
1 polyribonucleotide no no GGCGAAGAACU GGCGAAGAACU A ? 
2 polyribonucleotide no no GGGGAGCU    GGGGAGCU    B ? 
# 
loop_
_entity_poly_seq.entity_id 
_entity_poly_seq.num 
_entity_poly_seq.mon_id 
_entity_poly_seq.hetero 
1 1  G n 
1 2  G n 
1 3  C n 
1 4  G n 
1 5  A n 
1 6  A n 
1 7  G n 
1 8  A n 
1 9  A n 
1 10 C n 
1 11 U n 
2 1  G n 
2 2  G n 
2 3  G n 
2 4  G n 
2 5  A n 
2 6  G n 
2 7  C n 
2 8  U n 
# 
loop_
_pdbx_entity_src_syn.entity_id 
_pdbx_entity_src_syn.pdbx_src_id 
_pdbx_entity_src_syn.pdbx_alt_source_flag 
_pdbx_entity_src_syn.pdbx_beg_seq_num 
_pdbx_entity_src_syn.pdbx_end_seq_num 
_pdbx_entity_src_syn.organism_scientific 
_pdbx_entity_src_syn.organism_common_name 
_pdbx_entity_src_syn.ncbi_taxonomy_id 
_pdbx_entity_src_syn.details 
1 1 sample ? ? 'HALOARCULA MARISMORTUI' ? 2238 ? 
2 1 sample ? ? 'HALOARCULA MARISMORTUI' ? 2238 ? 
# 
loop_
_chem_comp.id 
_chem_comp.type 
_chem_comp.mon_nstd_flag 
_chem_comp.name 
_chem_comp.pdbx_synonyms 
_chem_comp.formula 
_chem_comp.formula_weight 
A 'RNA linking' y "ADENOSINE-5'-MONOPHOSPHATE" ? 'C10 H14 N5 O7 P' 347.221 
C 'RNA linking' y "CYTIDINE-5'-MONOPHOSPHATE"  ? 'C9 H14 N3 O8 P'  323.197 
G 'RNA linking' y "GUANOSINE-5'-MONOPHOSPHATE" ? 'C10 H14 N5 O8 P' 363.221 
U 'RNA linking' y "URIDINE-5'-MONOPHOSPHATE"   ? 'C9 H13 N2 O9 P'  324.181 
# 
loop_
_pdbx_poly_seq_scheme.asym_id 
_pdbx_poly_seq_scheme.entity_id 
_pdbx_poly_seq_scheme.seq_id 
_pdbx_poly_seq_scheme.mon_id 
_pdbx_poly_seq_scheme.ndb_seq_num 
_pdbx_poly_seq_scheme.pdb_seq_num 
_pdbx_poly_seq_scheme.auth_seq_num 
_pdbx_poly_seq_scheme.pdb_mon_id 
_pdbx_poly_seq_scheme.auth_mon_id 
_pdbx_poly_seq_scheme.pdb_strand_id 
_pdbx_poly_seq_scheme.pdb_ins_code 
_pdbx_poly_seq_scheme.hetero 
A 1 1  G 1  1  1  G G A . n 
A 1 2  G 2  2  2  G G A . n 
A 1 3  C 3  3  3  C C A . n 
A 1 4  G 4  4  4  G G A . n 
A 1 5  A 5  5  5  A A A . n 
A 1 6  A 6  6  6  A A A . n 
A 1 7  G 7  7  7  G G A . n 
A 1 8  A 8  8  8  A A A . n 
A 1 9  A 9  9  9  A A A . n 
A 1 10 C 10 10 10 C C A . n 
A 1 11 U 11 11 11 U U A . n 
B 2 1  G 1  12 12 G G B . n 
B 2 2  G 2  13 13 G G B . n 
B 2 3  G 3  14 14 G G B . n 
B 2 4  G 4  15 15 G G B . n 
B 2 5  A 5  16 16 A A B . n 
B 2 6  G 6  17 17 G G B . n 
B 2 7  C 7  18 18 C C B . n 
B 2 8  U 8  19 19 U U B . n 
# 
loop_
_software.name 
_software.classification 
_software.version 
_software.citation_id 
_software.pdbx_ordinal 
PHENIX  refinement       '(PHENIX.REFINE)' ? 1 
XDS     'data reduction' .                 ? 2 
Aimless 'data scaling'   .                 ? 3 
PHASER  phasing          .                 ? 4 
# 
_cell.entry_id           5G4T 
_cell.length_a           70.306 
_cell.length_b           70.306 
_cell.length_c           47.827 
_cell.angle_alpha        90.00 
_cell.angle_beta         90.00 
_cell.angle_gamma        120.00 
_cell.Z_PDB              12 
_cell.pdbx_unique_axis   ? 
# 
_symmetry.entry_id                         5G4T 
_symmetry.space_group_name_H-M             'P 63 2 2' 
_symmetry.pdbx_full_space_group_name_H-M   ? 
_symmetry.cell_setting                     ? 
_symmetry.Int_Tables_number                182 
# 
_exptl.entry_id          5G4T 
_exptl.method            'X-RAY DIFFRACTION' 
_exptl.crystals_number   1 
# 
_exptl_crystal.id                    1 
_exptl_crystal.density_meas          ? 
_exptl_crystal.density_Matthews      2.31 
_exptl_crystal.density_percent_sol   46.8 
_exptl_crystal.description           NONE 
# 
_exptl_crystal_grow.crystal_id      1 
_exptl_crystal_grow.method          ? 
_exptl_crystal_grow.temp            ? 
_exptl_crystal_grow.temp_details    ? 
_exptl_crystal_grow.pH              4.6 
_exptl_crystal_grow.pdbx_pH_range   ? 
_exptl_crystal_grow.pdbx_details    '3.5 M NA FORMATE, 0.1 M NA ACETATE (PH 4.6)' 
# 
_diffrn.id                     1 
_diffrn.ambient_temp           100 
_diffrn.ambient_temp_details   ? 
_diffrn.crystal_id             1 
# 
_diffrn_detector.diffrn_id              1 
_diffrn_detector.detector               PIXEL 
_diffrn_detector.type                   'DECTRIS PIXEL' 
_diffrn_detector.pdbx_collection_date   2016-05-02 
_diffrn_detector.details                ? 
# 
_diffrn_radiation.diffrn_id                        1 
_diffrn_radiation.wavelength_id                    1 
_diffrn_radiation.pdbx_monochromatic_or_laue_m_l   M 
_diffrn_radiation.monochromator                    ? 
_diffrn_radiation.pdbx_diffrn_protocol             'SINGLE WAVELENGTH' 
_diffrn_radiation.pdbx_scattering_type             x-ray 
# 
_diffrn_radiation_wavelength.id           1 
_diffrn_radiation_wavelength.wavelength   0.920 
_diffrn_radiation_wavelength.wt           1.0 
# 
_diffrn_source.diffrn_id                   1 
_diffrn_source.source                      SYNCHROTRON 
_diffrn_source.type                        'ESRF BEAMLINE ID23-1' 
_diffrn_source.pdbx_synchrotron_site       ESRF 
_diffrn_source.pdbx_synchrotron_beamline   ID23-1 
_diffrn_source.pdbx_wavelength             0.920 
_diffrn_source.pdbx_wavelength_list        ? 
# 
_reflns.pdbx_diffrn_id               1 
_reflns.pdbx_ordinal                 1 
_reflns.entry_id                     5G4T 
_reflns.observed_criterion_sigma_I   0.8 
_reflns.observed_criterion_sigma_F   ? 
_reflns.d_resolution_low             28.33 
_reflns.d_resolution_high            2.75 
_reflns.number_obs                   2019 
_reflns.number_all                   ? 
_reflns.percent_possible_obs         99.9 
_reflns.pdbx_Rmerge_I_obs            0.04 
_reflns.pdbx_Rsym_value              ? 
_reflns.pdbx_netI_over_sigmaI        27.70 
_reflns.B_iso_Wilson_estimate        109.38 
_reflns.pdbx_redundancy              11.6 
# 
_reflns_shell.pdbx_diffrn_id         1 
_reflns_shell.pdbx_ordinal           1 
_reflns_shell.d_res_high             2.75 
_reflns_shell.d_res_low              2.85 
_reflns_shell.percent_possible_all   100.0 
_reflns_shell.Rmerge_I_obs           1.50 
_reflns_shell.pdbx_Rsym_value        ? 
_reflns_shell.meanI_over_sigI_obs    0.80 
_reflns_shell.pdbx_redundancy        12.3 
# 
_refine.pdbx_refine_id                           'X-RAY DIFFRACTION' 
_refine.entry_id                                 5G4T 
_refine.pdbx_diffrn_id                           1 
_refine.pdbx_TLS_residual_ADP_flag               ? 
_refine.ls_number_reflns_obs                     2019 
_refine.ls_number_reflns_all                     ? 
_refine.pdbx_ls_sigma_I                          ? 
_refine.pdbx_ls_sigma_F                          1.34 
_refine.pdbx_data_cutoff_high_absF               ? 
_refine.pdbx_data_cutoff_low_absF                ? 
_refine.pdbx_data_cutoff_high_rms_absF           ? 
_refine.ls_d_res_low                             37.611 
_refine.ls_d_res_high                            2.751 
_refine.ls_percent_reflns_obs                    99.17 
_refine.ls_R_factor_obs                          0.1973 
_refine.ls_R_factor_all                          ? 
_refine.ls_R_factor_R_work                       0.1948 
_refine.ls_R_factor_R_free                       0.2348 
_refine.ls_R_factor_R_free_error                 ? 
_refine.ls_R_factor_R_free_error_details         ? 
_refine.ls_percent_reflns_R_free                 5.8 
_refine.ls_number_reflns_R_free                  118 
_refine.ls_number_parameters                     ? 
_refine.ls_number_restraints                     ? 
_refine.occupancy_min                            ? 
_refine.occupancy_max                            ? 
_refine.correlation_coeff_Fo_to_Fc               ? 
_refine.correlation_coeff_Fo_to_Fc_free          ? 
_refine.B_iso_mean                               137.27 
_refine.aniso_B[1][1]                            ? 
_refine.aniso_B[2][2]                            ? 
_refine.aniso_B[3][3]                            ? 
_refine.aniso_B[1][2]                            ? 
_refine.aniso_B[1][3]                            ? 
_refine.aniso_B[2][3]                            ? 
_refine.solvent_model_details                    'FLAT BULK SOLVENT MODEL' 
_refine.solvent_model_param_ksol                 ? 
_refine.solvent_model_param_bsol                 ? 
_refine.pdbx_solvent_vdw_probe_radii             1.11 
_refine.pdbx_solvent_ion_probe_radii             ? 
_refine.pdbx_solvent_shrinkage_radii             0.90 
_refine.pdbx_ls_cross_valid_method               ? 
_refine.details                                  ? 
_refine.pdbx_starting_model                      'PDB ENTRY 4CS1' 
_refine.pdbx_method_to_determine_struct          'MOLECULAR REPLACEMENT' 
_refine.pdbx_isotropic_thermal_model             ? 
_refine.pdbx_stereochemistry_target_values       ML 
_refine.pdbx_stereochem_target_val_spec_case     ? 
_refine.pdbx_R_Free_selection_details            ? 
_refine.pdbx_overall_ESU_R                       ? 
_refine.pdbx_overall_ESU_R_Free                  ? 
_refine.overall_SU_ML                            0.29 
_refine.pdbx_overall_phase_error                 25.07 
_refine.overall_SU_B                             ? 
_refine.overall_SU_R_Cruickshank_DPI             ? 
_refine.pdbx_overall_SU_R_free_Cruickshank_DPI   ? 
_refine.pdbx_overall_SU_R_Blow_DPI               ? 
_refine.pdbx_overall_SU_R_free_Blow_DPI          ? 
# 
_refine_hist.pdbx_refine_id                   'X-RAY DIFFRACTION' 
_refine_hist.cycle_id                         LAST 
_refine_hist.pdbx_number_atoms_protein        0 
_refine_hist.pdbx_number_atoms_nucleic_acid   417 
_refine_hist.pdbx_number_atoms_ligand         0 
_refine_hist.number_atoms_solvent             0 
_refine_hist.number_atoms_total               417 
_refine_hist.d_res_high                       2.751 
_refine_hist.d_res_low                        37.611 
# 
loop_
_refine_ls_restr.type 
_refine_ls_restr.dev_ideal 
_refine_ls_restr.dev_ideal_target 
_refine_ls_restr.weight 
_refine_ls_restr.number 
_refine_ls_restr.pdbx_refine_id 
_refine_ls_restr.pdbx_restraint_function 
f_bond_d           0.003  ? ? 467 'X-RAY DIFFRACTION' ? 
f_angle_d          0.630  ? ? 726 'X-RAY DIFFRACTION' ? 
f_dihedral_angle_d 14.195 ? ? 222 'X-RAY DIFFRACTION' ? 
f_chiral_restr     0.034  ? ? 95  'X-RAY DIFFRACTION' ? 
f_plane_restr      0.005  ? ? 19  'X-RAY DIFFRACTION' ? 
# 
_refine_ls_shell.pdbx_refine_id                   'X-RAY DIFFRACTION' 
_refine_ls_shell.pdbx_total_number_of_bins_used   ? 
_refine_ls_shell.d_res_high                       2.7509 
_refine_ls_shell.d_res_low                        37.6146 
_refine_ls_shell.number_reflns_R_work             1901 
_refine_ls_shell.R_factor_R_work                  0.1948 
_refine_ls_shell.percent_reflns_obs               99.00 
_refine_ls_shell.R_factor_R_free                  0.2348 
_refine_ls_shell.R_factor_R_free_error            ? 
_refine_ls_shell.percent_reflns_R_free            ? 
_refine_ls_shell.number_reflns_R_free             118 
_refine_ls_shell.number_reflns_all                ? 
_refine_ls_shell.R_factor_all                     ? 
# 
_struct.entry_id                  5G4T 
_struct.title                     'The structure of a quasi-cyclic six k-turn duplex RNA species' 
_struct.pdbx_model_details        ? 
_struct.pdbx_CASP_flag            ? 
_struct.pdbx_model_type_details   ? 
# 
_struct_keywords.entry_id        5G4T 
_struct_keywords.pdbx_keywords   RNA 
_struct_keywords.text            'RNA, KINK TURN, RNA MOTIF, NANO-STRUCTURE, NANOTECHNOLOGY' 
# 
loop_
_struct_asym.id 
_struct_asym.pdbx_blank_PDB_chainid_flag 
_struct_asym.pdbx_modified 
_struct_asym.entity_id 
_struct_asym.details 
A N N 1 ? 
B N N 2 ? 
# 
loop_
_struct_ref.id 
_struct_ref.db_name 
_struct_ref.db_code 
_struct_ref.entity_id 
_struct_ref.pdbx_seq_one_letter_code 
_struct_ref.pdbx_align_begin 
_struct_ref.pdbx_db_accession 
_struct_ref.pdbx_db_isoform 
1 PDB 5G4T 1 ? ? 5G4T ? 
2 PDB 5G4T 2 ? ? 5G4T ? 
# 
loop_
_struct_ref_seq.align_id 
_struct_ref_seq.ref_id 
_struct_ref_seq.pdbx_PDB_id_code 
_struct_ref_seq.pdbx_strand_id 
_struct_ref_seq.seq_align_beg 
_struct_ref_seq.pdbx_seq_align_beg_ins_code 
_struct_ref_seq.seq_align_end 
_struct_ref_seq.pdbx_seq_align_end_ins_code 
_struct_ref_seq.pdbx_db_accession 
_struct_ref_seq.db_align_beg 
_struct_ref_seq.pdbx_db_align_beg_ins_code 
_struct_ref_seq.db_align_end 
_struct_ref_seq.pdbx_db_align_end_ins_code 
_struct_ref_seq.pdbx_auth_seq_align_beg 
_struct_ref_seq.pdbx_auth_seq_align_end 
1 1 5G4T A 1 ? 11 ? 5G4T 1  ? 11 ? 1  11 
2 2 5G4T B 1 ? 8  ? 5G4T 12 ? 19 ? 12 19 
# 
_pdbx_struct_assembly.id                   1 
_pdbx_struct_assembly.details              author_and_software_defined_assembly 
_pdbx_struct_assembly.method_details       PISA 
_pdbx_struct_assembly.oligomeric_details   tetrameric 
_pdbx_struct_assembly.oligomeric_count     4 
# 
loop_
_pdbx_struct_assembly_prop.biol_id 
_pdbx_struct_assembly_prop.type 
_pdbx_struct_assembly_prop.value 
_pdbx_struct_assembly_prop.details 
1 'ABSA (A^2)' 3370  ? 
1 MORE         -18.2 ? 
1 'SSA (A^2)'  6260  ? 
# 
_pdbx_struct_assembly_gen.assembly_id       1 
_pdbx_struct_assembly_gen.oper_expression   1,2 
_pdbx_struct_assembly_gen.asym_id_list      A,B 
# 
loop_
_pdbx_struct_oper_list.id 
_pdbx_struct_oper_list.type 
_pdbx_struct_oper_list.name 
_pdbx_struct_oper_list.symmetry_operation 
_pdbx_struct_oper_list.matrix[1][1] 
_pdbx_struct_oper_list.matrix[1][2] 
_pdbx_struct_oper_list.matrix[1][3] 
_pdbx_struct_oper_list.vector[1] 
_pdbx_struct_oper_list.matrix[2][1] 
_pdbx_struct_oper_list.matrix[2][2] 
_pdbx_struct_oper_list.matrix[2][3] 
_pdbx_struct_oper_list.vector[2] 
_pdbx_struct_oper_list.matrix[3][1] 
_pdbx_struct_oper_list.matrix[3][2] 
_pdbx_struct_oper_list.matrix[3][3] 
_pdbx_struct_oper_list.vector[3] 
1 'identity operation'         1_555  x,y,z            1.0000000000  0.0000000000 0.0000000000 0.0000000000  0.0000000000 1.0000000000  0.0000000000 0.0000000000  0.0000000000 0.0000000000 1.0000000000 0.0000000000  
2 'crystal symmetry operation' 10_667 -y+1,-x+1,-z+5/2 -0.0817167908 0.2049534023 0.9753545350 -0.5907180710 0.2049534023 -0.9542560545 0.2176912617 17.6379078564 0.9753545350 0.2176912617 0.0359728452 -3.1501393887 
# 
_struct_biol.id   1 
# 
loop_
_struct_conn.id 
_struct_conn.conn_type_id 
_struct_conn.pdbx_leaving_atom_flag 
_struct_conn.pdbx_PDB_id 
_struct_conn.ptnr1_label_asym_id 
_struct_conn.ptnr1_label_comp_id 
_struct_conn.ptnr1_label_seq_id 
_struct_conn.ptnr1_label_atom_id 
_struct_conn.pdbx_ptnr1_label_alt_id 
_struct_conn.pdbx_ptnr1_PDB_ins_code 
_struct_conn.pdbx_ptnr1_standard_comp_id 
_struct_conn.ptnr1_symmetry 
_struct_conn.ptnr2_label_asym_id 
_struct_conn.ptnr2_label_comp_id 
_struct_conn.ptnr2_label_seq_id 
_struct_conn.ptnr2_label_atom_id 
_struct_conn.pdbx_ptnr2_label_alt_id 
_struct_conn.pdbx_ptnr2_PDB_ins_code 
_struct_conn.ptnr1_auth_asym_id 
_struct_conn.ptnr1_auth_comp_id 
_struct_conn.ptnr1_auth_seq_id 
_struct_conn.ptnr2_auth_asym_id 
_struct_conn.ptnr2_auth_comp_id 
_struct_conn.ptnr2_auth_seq_id 
_struct_conn.ptnr2_symmetry 
_struct_conn.pdbx_ptnr3_label_atom_id 
_struct_conn.pdbx_ptnr3_label_seq_id 
_struct_conn.pdbx_ptnr3_label_comp_id 
_struct_conn.pdbx_ptnr3_label_asym_id 
_struct_conn.pdbx_ptnr3_label_alt_id 
_struct_conn.pdbx_ptnr3_PDB_ins_code 
_struct_conn.details 
_struct_conn.pdbx_dist_value 
_struct_conn.pdbx_value_order 
_struct_conn.pdbx_role 
hydrog1  hydrog ? ? A G 1  N1 ? ? ? 1_555 B U 8 O2 ? ? A G 1  B U 19 1_555 ? ? ? ? ? ? TYPE_28_PAIR  ? ? ? 
hydrog2  hydrog ? ? A G 1  O6 ? ? ? 1_555 B U 8 N3 ? ? A G 1  B U 19 1_555 ? ? ? ? ? ? TYPE_28_PAIR  ? ? ? 
hydrog3  hydrog ? ? A G 2  N1 ? ? ? 1_555 B C 7 N3 ? ? A G 2  B C 18 1_555 ? ? ? ? ? ? WATSON-CRICK  ? ? ? 
hydrog4  hydrog ? ? A G 2  N2 ? ? ? 1_555 B C 7 O2 ? ? A G 2  B C 18 1_555 ? ? ? ? ? ? WATSON-CRICK  ? ? ? 
hydrog5  hydrog ? ? A G 2  O6 ? ? ? 1_555 B C 7 N4 ? ? A G 2  B C 18 1_555 ? ? ? ? ? ? WATSON-CRICK  ? ? ? 
hydrog6  hydrog ? ? A C 3  N3 ? ? ? 1_555 B G 6 N1 ? ? A C 3  B G 17 1_555 ? ? ? ? ? ? WATSON-CRICK  ? ? ? 
hydrog7  hydrog ? ? A C 3  N4 ? ? ? 1_555 B G 6 O6 ? ? A C 3  B G 17 1_555 ? ? ? ? ? ? WATSON-CRICK  ? ? ? 
hydrog8  hydrog ? ? A C 3  O2 ? ? ? 1_555 B G 6 N2 ? ? A C 3  B G 17 1_555 ? ? ? ? ? ? WATSON-CRICK  ? ? ? 
hydrog9  hydrog ? ? A G 4  N2 ? ? ? 1_555 B A 5 N3 ? ? A G 4  B A 16 1_555 ? ? ? ? ? ? 'G-A MISPAIR' ? ? ? 
hydrog10 hydrog ? ? A G 7  N2 ? ? ? 1_555 B A 5 N7 ? ? A G 7  B A 16 1_555 ? ? ? ? ? ? TYPE_11_PAIR  ? ? ? 
hydrog11 hydrog ? ? A G 7  N3 ? ? ? 1_555 B A 5 N6 ? ? A G 7  B A 16 1_555 ? ? ? ? ? ? TYPE_11_PAIR  ? ? ? 
hydrog12 hydrog ? ? A A 8  N6 ? ? ? 1_555 B G 4 N3 ? ? A A 8  B G 15 1_555 ? ? ? ? ? ? TYPE_11_PAIR  ? ? ? 
hydrog13 hydrog ? ? A A 8  N7 ? ? ? 1_555 B G 4 N2 ? ? A A 8  B G 15 1_555 ? ? ? ? ? ? TYPE_11_PAIR  ? ? ? 
hydrog14 hydrog ? ? A A 9  N6 ? ? ? 1_555 B G 3 N3 ? ? A A 9  B G 14 1_555 ? ? ? ? ? ? TYPE_11_PAIR  ? ? ? 
hydrog15 hydrog ? ? A A 9  N7 ? ? ? 1_555 B G 3 N2 ? ? A A 9  B G 14 1_555 ? ? ? ? ? ? TYPE_11_PAIR  ? ? ? 
hydrog16 hydrog ? ? A C 10 N3 ? ? ? 1_555 B G 2 N1 ? ? A C 10 B G 13 1_555 ? ? ? ? ? ? WATSON-CRICK  ? ? ? 
hydrog17 hydrog ? ? A C 10 N4 ? ? ? 1_555 B G 2 O6 ? ? A C 10 B G 13 1_555 ? ? ? ? ? ? WATSON-CRICK  ? ? ? 
hydrog18 hydrog ? ? A C 10 O2 ? ? ? 1_555 B G 2 N2 ? ? A C 10 B G 13 1_555 ? ? ? ? ? ? WATSON-CRICK  ? ? ? 
hydrog19 hydrog ? ? A U 11 N3 ? ? ? 1_555 B G 1 O6 ? ? A U 11 B G 12 1_555 ? ? ? ? ? ? TYPE_28_PAIR  ? ? ? 
hydrog20 hydrog ? ? A U 11 O2 ? ? ? 1_555 B G 1 N1 ? ? A U 11 B G 12 1_555 ? ? ? ? ? ? TYPE_28_PAIR  ? ? ? 
# 
_struct_conn_type.id          hydrog 
_struct_conn_type.criteria    ? 
_struct_conn_type.reference   ? 
# 
loop_
_pdbx_refine_tls.pdbx_refine_id 
_pdbx_refine_tls.id 
_pdbx_refine_tls.details 
_pdbx_refine_tls.method 
_pdbx_refine_tls.origin_x 
_pdbx_refine_tls.origin_y 
_pdbx_refine_tls.origin_z 
_pdbx_refine_tls.T[1][1] 
_pdbx_refine_tls.T[2][2] 
_pdbx_refine_tls.T[3][3] 
_pdbx_refine_tls.T[1][2] 
_pdbx_refine_tls.T[1][3] 
_pdbx_refine_tls.T[2][3] 
_pdbx_refine_tls.L[1][1] 
_pdbx_refine_tls.L[2][2] 
_pdbx_refine_tls.L[3][3] 
_pdbx_refine_tls.L[1][2] 
_pdbx_refine_tls.L[1][3] 
_pdbx_refine_tls.L[2][3] 
_pdbx_refine_tls.S[1][1] 
_pdbx_refine_tls.S[1][2] 
_pdbx_refine_tls.S[1][3] 
_pdbx_refine_tls.S[2][1] 
_pdbx_refine_tls.S[2][2] 
_pdbx_refine_tls.S[2][3] 
_pdbx_refine_tls.S[3][1] 
_pdbx_refine_tls.S[3][2] 
_pdbx_refine_tls.S[3][3] 
'X-RAY DIFFRACTION' 1 ? refined 3.3973  5.9264  9.5006  1.6773 1.3626 1.2426 -0.1534 0.1458  0.1744  0.7725 1.1244  14.8121 -0.8632 3.7307  -3.7730 1.4580  -0.2013 0.5380  1.5786  -1.3648 1.1660  -0.1322 0.6076  -0.2924 
'X-RAY DIFFRACTION' 2 ? refined 3.3395  3.9616  -3.5222 1.7462 1.2804 1.1419 -0.1295 0.3498  0.1789  3.4448 5.8722  5.8490  -1.7142 -1.9751 -3.5682 1.2435  1.1196  -0.4239 0.4058  -0.6505 -1.2995 -1.4556 0.8997  -0.6717 
'X-RAY DIFFRACTION' 3 ? refined -2.8332 -8.5802 -1.0692 1.5970 1.4337 1.8731 -0.1689 -0.0981 0.1055  3.4598 4.3579  1.7809  -1.8529 -1.6566 2.1176  -0.1170 1.5358  -0.8258 0.0827  1.0835  3.6845  -1.0849 1.0427  -1.2876 
'X-RAY DIFFRACTION' 4 ? refined -1.6115 -2.9894 -8.2119 2.2576 1.3188 1.3778 0.0528  -0.2430 -0.0872 1.7401 11.2475 2.0553  -3.0684 1.3781  -0.1960 0.4433  1.4705  -0.3422 -4.0974 -0.5713 2.7807  1.3672  0.5699  -0.1353 
'X-RAY DIFFRACTION' 5 ? refined -3.5420 0.0240  7.2844  1.5823 1.5012 1.4749 -0.2993 0.3922  0.0766  4.6946 4.5376  2.5292  4.3886  2.9678  2.5370  -0.8254 2.3747  1.3057  -0.1110 -0.6376 1.9491  1.1674  -0.8037 0.2371 
# 
loop_
_pdbx_refine_tls_group.pdbx_refine_id 
_pdbx_refine_tls_group.id 
_pdbx_refine_tls_group.refine_tls_id 
_pdbx_refine_tls_group.beg_auth_asym_id 
_pdbx_refine_tls_group.beg_auth_seq_id 
_pdbx_refine_tls_group.beg_label_asym_id 
_pdbx_refine_tls_group.beg_label_seq_id 
_pdbx_refine_tls_group.end_auth_asym_id 
_pdbx_refine_tls_group.end_auth_seq_id 
_pdbx_refine_tls_group.end_label_asym_id 
_pdbx_refine_tls_group.end_label_seq_id 
_pdbx_refine_tls_group.selection 
_pdbx_refine_tls_group.selection_details 
'X-RAY DIFFRACTION' 1 1 ? ? ? ? ? ? ? ? ? '(CHAIN A AND RESID 1:4)'   
'X-RAY DIFFRACTION' 2 2 ? ? ? ? ? ? ? ? ? '(CHAIN A AND RESID 5:8)'   
'X-RAY DIFFRACTION' 3 3 ? ? ? ? ? ? ? ? ? '(CHAIN A AND RESID 9:11)'  
'X-RAY DIFFRACTION' 4 4 ? ? ? ? ? ? ? ? ? '(CHAIN B AND RESID 12:16)' 
'X-RAY DIFFRACTION' 5 5 ? ? ? ? ? ? ? ? ? '(CHAIN B AND RESID 17:19)' 
# 
loop_
_chem_comp_atom.comp_id 
_chem_comp_atom.atom_id 
_chem_comp_atom.type_symbol 
_chem_comp_atom.pdbx_aromatic_flag 
_chem_comp_atom.pdbx_stereo_config 
_chem_comp_atom.pdbx_ordinal 
A OP3    O N N 1   
A P      P N N 2   
A OP1    O N N 3   
A OP2    O N N 4   
A "O5'"  O N N 5   
A "C5'"  C N N 6   
A "C4'"  C N R 7   
A "O4'"  O N N 8   
A "C3'"  C N S 9   
A "O3'"  O N N 10  
A "C2'"  C N R 11  
A "O2'"  O N N 12  
A "C1'"  C N R 13  
A N9     N Y N 14  
A C8     C Y N 15  
A N7     N Y N 16  
A C5     C Y N 17  
A C6     C Y N 18  
A N6     N N N 19  
A N1     N Y N 20  
A C2     C Y N 21  
A N3     N Y N 22  
A C4     C Y N 23  
A HOP3   H N N 24  
A HOP2   H N N 25  
A "H5'"  H N N 26  
A "H5''" H N N 27  
A "H4'"  H N N 28  
A "H3'"  H N N 29  
A "HO3'" H N N 30  
A "H2'"  H N N 31  
A "HO2'" H N N 32  
A "H1'"  H N N 33  
A H8     H N N 34  
A H61    H N N 35  
A H62    H N N 36  
A H2     H N N 37  
C OP3    O N N 38  
C P      P N N 39  
C OP1    O N N 40  
C OP2    O N N 41  
C "O5'"  O N N 42  
C "C5'"  C N N 43  
C "C4'"  C N R 44  
C "O4'"  O N N 45  
C "C3'"  C N S 46  
C "O3'"  O N N 47  
C "C2'"  C N R 48  
C "O2'"  O N N 49  
C "C1'"  C N R 50  
C N1     N N N 51  
C C2     C N N 52  
C O2     O N N 53  
C N3     N N N 54  
C C4     C N N 55  
C N4     N N N 56  
C C5     C N N 57  
C C6     C N N 58  
C HOP3   H N N 59  
C HOP2   H N N 60  
C "H5'"  H N N 61  
C "H5''" H N N 62  
C "H4'"  H N N 63  
C "H3'"  H N N 64  
C "HO3'" H N N 65  
C "H2'"  H N N 66  
C "HO2'" H N N 67  
C "H1'"  H N N 68  
C H41    H N N 69  
C H42    H N N 70  
C H5     H N N 71  
C H6     H N N 72  
G OP3    O N N 73  
G P      P N N 74  
G OP1    O N N 75  
G OP2    O N N 76  
G "O5'"  O N N 77  
G "C5'"  C N N 78  
G "C4'"  C N R 79  
G "O4'"  O N N 80  
G "C3'"  C N S 81  
G "O3'"  O N N 82  
G "C2'"  C N R 83  
G "O2'"  O N N 84  
G "C1'"  C N R 85  
G N9     N Y N 86  
G C8     C Y N 87  
G N7     N Y N 88  
G C5     C Y N 89  
G C6     C N N 90  
G O6     O N N 91  
G N1     N N N 92  
G C2     C N N 93  
G N2     N N N 94  
G N3     N N N 95  
G C4     C Y N 96  
G HOP3   H N N 97  
G HOP2   H N N 98  
G "H5'"  H N N 99  
G "H5''" H N N 100 
G "H4'"  H N N 101 
G "H3'"  H N N 102 
G "HO3'" H N N 103 
G "H2'"  H N N 104 
G "HO2'" H N N 105 
G "H1'"  H N N 106 
G H8     H N N 107 
G H1     H N N 108 
G H21    H N N 109 
G H22    H N N 110 
U OP3    O N N 111 
U P      P N N 112 
U OP1    O N N 113 
U OP2    O N N 114 
U "O5'"  O N N 115 
U "C5'"  C N N 116 
U "C4'"  C N R 117 
U "O4'"  O N N 118 
U "C3'"  C N S 119 
U "O3'"  O N N 120 
U "C2'"  C N R 121 
U "O2'"  O N N 122 
U "C1'"  C N R 123 
U N1     N N N 124 
U C2     C N N 125 
U O2     O N N 126 
U N3     N N N 127 
U C4     C N N 128 
U O4     O N N 129 
U C5     C N N 130 
U C6     C N N 131 
U HOP3   H N N 132 
U HOP2   H N N 133 
U "H5'"  H N N 134 
U "H5''" H N N 135 
U "H4'"  H N N 136 
U "H3'"  H N N 137 
U "HO3'" H N N 138 
U "H2'"  H N N 139 
U "HO2'" H N N 140 
U "H1'"  H N N 141 
U H3     H N N 142 
U H5     H N N 143 
U H6     H N N 144 
# 
loop_
_chem_comp_bond.comp_id 
_chem_comp_bond.atom_id_1 
_chem_comp_bond.atom_id_2 
_chem_comp_bond.value_order 
_chem_comp_bond.pdbx_aromatic_flag 
_chem_comp_bond.pdbx_stereo_config 
_chem_comp_bond.pdbx_ordinal 
A OP3   P      sing N N 1   
A OP3   HOP3   sing N N 2   
A P     OP1    doub N N 3   
A P     OP2    sing N N 4   
A P     "O5'"  sing N N 5   
A OP2   HOP2   sing N N 6   
A "O5'" "C5'"  sing N N 7   
A "C5'" "C4'"  sing N N 8   
A "C5'" "H5'"  sing N N 9   
A "C5'" "H5''" sing N N 10  
A "C4'" "O4'"  sing N N 11  
A "C4'" "C3'"  sing N N 12  
A "C4'" "H4'"  sing N N 13  
A "O4'" "C1'"  sing N N 14  
A "C3'" "O3'"  sing N N 15  
A "C3'" "C2'"  sing N N 16  
A "C3'" "H3'"  sing N N 17  
A "O3'" "HO3'" sing N N 18  
A "C2'" "O2'"  sing N N 19  
A "C2'" "C1'"  sing N N 20  
A "C2'" "H2'"  sing N N 21  
A "O2'" "HO2'" sing N N 22  
A "C1'" N9     sing N N 23  
A "C1'" "H1'"  sing N N 24  
A N9    C8     sing Y N 25  
A N9    C4     sing Y N 26  
A C8    N7     doub Y N 27  
A C8    H8     sing N N 28  
A N7    C5     sing Y N 29  
A C5    C6     sing Y N 30  
A C5    C4     doub Y N 31  
A C6    N6     sing N N 32  
A C6    N1     doub Y N 33  
A N6    H61    sing N N 34  
A N6    H62    sing N N 35  
A N1    C2     sing Y N 36  
A C2    N3     doub Y N 37  
A C2    H2     sing N N 38  
A N3    C4     sing Y N 39  
C OP3   P      sing N N 40  
C OP3   HOP3   sing N N 41  
C P     OP1    doub N N 42  
C P     OP2    sing N N 43  
C P     "O5'"  sing N N 44  
C OP2   HOP2   sing N N 45  
C "O5'" "C5'"  sing N N 46  
C "C5'" "C4'"  sing N N 47  
C "C5'" "H5'"  sing N N 48  
C "C5'" "H5''" sing N N 49  
C "C4'" "O4'"  sing N N 50  
C "C4'" "C3'"  sing N N 51  
C "C4'" "H4'"  sing N N 52  
C "O4'" "C1'"  sing N N 53  
C "C3'" "O3'"  sing N N 54  
C "C3'" "C2'"  sing N N 55  
C "C3'" "H3'"  sing N N 56  
C "O3'" "HO3'" sing N N 57  
C "C2'" "O2'"  sing N N 58  
C "C2'" "C1'"  sing N N 59  
C "C2'" "H2'"  sing N N 60  
C "O2'" "HO2'" sing N N 61  
C "C1'" N1     sing N N 62  
C "C1'" "H1'"  sing N N 63  
C N1    C2     sing N N 64  
C N1    C6     sing N N 65  
C C2    O2     doub N N 66  
C C2    N3     sing N N 67  
C N3    C4     doub N N 68  
C C4    N4     sing N N 69  
C C4    C5     sing N N 70  
C N4    H41    sing N N 71  
C N4    H42    sing N N 72  
C C5    C6     doub N N 73  
C C5    H5     sing N N 74  
C C6    H6     sing N N 75  
G OP3   P      sing N N 76  
G OP3   HOP3   sing N N 77  
G P     OP1    doub N N 78  
G P     OP2    sing N N 79  
G P     "O5'"  sing N N 80  
G OP2   HOP2   sing N N 81  
G "O5'" "C5'"  sing N N 82  
G "C5'" "C4'"  sing N N 83  
G "C5'" "H5'"  sing N N 84  
G "C5'" "H5''" sing N N 85  
G "C4'" "O4'"  sing N N 86  
G "C4'" "C3'"  sing N N 87  
G "C4'" "H4'"  sing N N 88  
G "O4'" "C1'"  sing N N 89  
G "C3'" "O3'"  sing N N 90  
G "C3'" "C2'"  sing N N 91  
G "C3'" "H3'"  sing N N 92  
G "O3'" "HO3'" sing N N 93  
G "C2'" "O2'"  sing N N 94  
G "C2'" "C1'"  sing N N 95  
G "C2'" "H2'"  sing N N 96  
G "O2'" "HO2'" sing N N 97  
G "C1'" N9     sing N N 98  
G "C1'" "H1'"  sing N N 99  
G N9    C8     sing Y N 100 
G N9    C4     sing Y N 101 
G C8    N7     doub Y N 102 
G C8    H8     sing N N 103 
G N7    C5     sing Y N 104 
G C5    C6     sing N N 105 
G C5    C4     doub Y N 106 
G C6    O6     doub N N 107 
G C6    N1     sing N N 108 
G N1    C2     sing N N 109 
G N1    H1     sing N N 110 
G C2    N2     sing N N 111 
G C2    N3     doub N N 112 
G N2    H21    sing N N 113 
G N2    H22    sing N N 114 
G N3    C4     sing N N 115 
U OP3   P      sing N N 116 
U OP3   HOP3   sing N N 117 
U P     OP1    doub N N 118 
U P     OP2    sing N N 119 
U P     "O5'"  sing N N 120 
U OP2   HOP2   sing N N 121 
U "O5'" "C5'"  sing N N 122 
U "C5'" "C4'"  sing N N 123 
U "C5'" "H5'"  sing N N 124 
U "C5'" "H5''" sing N N 125 
U "C4'" "O4'"  sing N N 126 
U "C4'" "C3'"  sing N N 127 
U "C4'" "H4'"  sing N N 128 
U "O4'" "C1'"  sing N N 129 
U "C3'" "O3'"  sing N N 130 
U "C3'" "C2'"  sing N N 131 
U "C3'" "H3'"  sing N N 132 
U "O3'" "HO3'" sing N N 133 
U "C2'" "O2'"  sing N N 134 
U "C2'" "C1'"  sing N N 135 
U "C2'" "H2'"  sing N N 136 
U "O2'" "HO2'" sing N N 137 
U "C1'" N1     sing N N 138 
U "C1'" "H1'"  sing N N 139 
U N1    C2     sing N N 140 
U N1    C6     sing N N 141 
U C2    O2     doub N N 142 
U C2    N3     sing N N 143 
U N3    C4     sing N N 144 
U N3    H3     sing N N 145 
U C4    O4     doub N N 146 
U C4    C5     sing N N 147 
U C5    C6     doub N N 148 
U C5    H5     sing N N 149 
U C6    H6     sing N N 150 
# 
loop_
_ndb_struct_conf_na.entry_id 
_ndb_struct_conf_na.feature 
5G4T 'double helix'        
5G4T 'a-form double helix' 
# 
loop_
_ndb_struct_na_base_pair.model_number 
_ndb_struct_na_base_pair.i_label_asym_id 
_ndb_struct_na_base_pair.i_label_comp_id 
_ndb_struct_na_base_pair.i_label_seq_id 
_ndb_struct_na_base_pair.i_symmetry 
_ndb_struct_na_base_pair.j_label_asym_id 
_ndb_struct_na_base_pair.j_label_comp_id 
_ndb_struct_na_base_pair.j_label_seq_id 
_ndb_struct_na_base_pair.j_symmetry 
_ndb_struct_na_base_pair.shear 
_ndb_struct_na_base_pair.stretch 
_ndb_struct_na_base_pair.stagger 
_ndb_struct_na_base_pair.buckle 
_ndb_struct_na_base_pair.propeller 
_ndb_struct_na_base_pair.opening 
_ndb_struct_na_base_pair.pair_number 
_ndb_struct_na_base_pair.pair_name 
_ndb_struct_na_base_pair.i_auth_asym_id 
_ndb_struct_na_base_pair.i_auth_seq_id 
_ndb_struct_na_base_pair.i_PDB_ins_code 
_ndb_struct_na_base_pair.j_auth_asym_id 
_ndb_struct_na_base_pair.j_auth_seq_id 
_ndb_struct_na_base_pair.j_PDB_ins_code 
_ndb_struct_na_base_pair.hbond_type_28 
_ndb_struct_na_base_pair.hbond_type_12 
1 A G 1  1_555 B U 8 1_555 -1.009 -0.425 0.147  2.229   -0.467 4.349  1 A_G1:U19_B  A 1  ? B 19 ? 28 1  
1 A G 2  1_555 B C 7 1_555 -0.221 -0.202 -0.304 -0.646  -2.443 1.021  2 A_G2:C18_B  A 2  ? B 18 ? 19 1  
1 A C 3  1_555 B G 6 1_555 0.230  -0.122 -0.015 -3.960  1.696  0.724  3 A_C3:G17_B  A 3  ? B 17 ? 19 1  
1 A G 7  1_555 B A 5 1_555 6.371  -4.165 0.524  18.022  18.933 8.112  4 A_G7:A16_B  A 7  ? B 16 ? 11 9  
1 A A 8  1_555 B G 4 1_555 -6.378 -5.008 0.818  -18.427 5.404  -3.573 5 A_A8:G15_B  A 8  ? B 15 ? 11 10 
1 A A 9  1_555 B G 3 1_555 -6.822 -4.007 0.088  -2.499  8.329  -2.929 6 A_A9:G14_B  A 9  ? B 14 ? 11 10 
1 A C 10 1_555 B G 2 1_555 0.150  -0.171 0.317  6.469   5.912  3.373  7 A_C10:G13_B A 10 ? B 13 ? 19 1  
1 A U 11 1_555 B G 1 1_555 1.264  -0.337 0.280  0.136   -4.397 9.276  8 A_U11:G12_B A 11 ? B 12 ? 28 1  
# 
loop_
_ndb_struct_na_base_pair_step.model_number 
_ndb_struct_na_base_pair_step.i_label_asym_id_1 
_ndb_struct_na_base_pair_step.i_label_comp_id_1 
_ndb_struct_na_base_pair_step.i_label_seq_id_1 
_ndb_struct_na_base_pair_step.i_symmetry_1 
_ndb_struct_na_base_pair_step.j_label_asym_id_1 
_ndb_struct_na_base_pair_step.j_label_comp_id_1 
_ndb_struct_na_base_pair_step.j_label_seq_id_1 
_ndb_struct_na_base_pair_step.j_symmetry_1 
_ndb_struct_na_base_pair_step.i_label_asym_id_2 
_ndb_struct_na_base_pair_step.i_label_comp_id_2 
_ndb_struct_na_base_pair_step.i_label_seq_id_2 
_ndb_struct_na_base_pair_step.i_symmetry_2 
_ndb_struct_na_base_pair_step.j_label_asym_id_2 
_ndb_struct_na_base_pair_step.j_label_comp_id_2 
_ndb_struct_na_base_pair_step.j_label_seq_id_2 
_ndb_struct_na_base_pair_step.j_symmetry_2 
_ndb_struct_na_base_pair_step.shift 
_ndb_struct_na_base_pair_step.slide 
_ndb_struct_na_base_pair_step.rise 
_ndb_struct_na_base_pair_step.tilt 
_ndb_struct_na_base_pair_step.roll 
_ndb_struct_na_base_pair_step.twist 
_ndb_struct_na_base_pair_step.x_displacement 
_ndb_struct_na_base_pair_step.y_displacement 
_ndb_struct_na_base_pair_step.helical_rise 
_ndb_struct_na_base_pair_step.inclination 
_ndb_struct_na_base_pair_step.tip 
_ndb_struct_na_base_pair_step.helical_twist 
_ndb_struct_na_base_pair_step.step_number 
_ndb_struct_na_base_pair_step.step_name 
_ndb_struct_na_base_pair_step.i_auth_asym_id_1 
_ndb_struct_na_base_pair_step.i_auth_seq_id_1 
_ndb_struct_na_base_pair_step.i_PDB_ins_code_1 
_ndb_struct_na_base_pair_step.j_auth_asym_id_1 
_ndb_struct_na_base_pair_step.j_auth_seq_id_1 
_ndb_struct_na_base_pair_step.j_PDB_ins_code_1 
_ndb_struct_na_base_pair_step.i_auth_asym_id_2 
_ndb_struct_na_base_pair_step.i_auth_seq_id_2 
_ndb_struct_na_base_pair_step.i_PDB_ins_code_2 
_ndb_struct_na_base_pair_step.j_auth_asym_id_2 
_ndb_struct_na_base_pair_step.j_auth_seq_id_2 
_ndb_struct_na_base_pair_step.j_PDB_ins_code_2 
1 A G 1  1_555 B U 8 1_555 A G 2  1_555 B C 7 1_555 -1.051 -2.094 3.466 -0.635  0.307   31.118 -3.965 1.829   3.466  0.572  1.184 
31.126  1 AA_G1G2:C18U19_BB   A 1  ? B 19 ? A 2  ? B 18 ? 
1 A G 2  1_555 B C 7 1_555 A C 3  1_555 B G 6 1_555 0.238  -2.168 3.332 -2.493  4.846   31.924 -4.716 -0.852  2.953  8.731  4.491 
32.374  2 AA_G2C3:G17C18_BB   A 2  ? B 18 ? A 3  ? B 17 ? 
1 A G 7  1_555 B A 5 1_555 A A 8  1_555 B G 4 1_555 -1.162 -1.574 4.680 -9.495  -12.462 -4.861 14.145 -10.647 -0.477 57.963 
-44.162 -16.399 3 AA_G7A8:G15A16_BB   A 7  ? B 16 ? A 8  ? B 15 ? 
1 A A 8  1_555 B G 4 1_555 A A 9  1_555 B G 3 1_555 -0.262 -0.586 3.333 -13.755 6.704   33.076 -1.896 -1.543  3.033  11.068 22.710 
36.354  4 AA_A8A9:G14G15_BB   A 8  ? B 15 ? A 9  ? B 14 ? 
1 A A 9  1_555 B G 3 1_555 A C 10 1_555 B G 2 1_555 0.382  -0.772 3.145 -4.284  3.893   64.455 -0.878 -0.529  3.071  3.643  4.008 
64.687  5 AA_A9C10:G13G14_BB  A 9  ? B 14 ? A 10 ? B 13 ? 
1 A C 10 1_555 B G 2 1_555 A U 11 1_555 B G 1 1_555 0.590  -2.519 3.341 3.027   3.793   27.332 -6.146 -0.516  3.017  7.947  -6.342 
27.752  6 AA_C10U11:G12G13_BB A 10 ? B 13 ? A 11 ? B 12 ? 
# 
_pdbx_initial_refinement_model.id               1 
_pdbx_initial_refinement_model.entity_id_list   ? 
_pdbx_initial_refinement_model.type             'experimental model' 
_pdbx_initial_refinement_model.source_name      PDB 
_pdbx_initial_refinement_model.accession_code   4CS1 
_pdbx_initial_refinement_model.details          'PDB ENTRY 4CS1' 
# 
_atom_sites.entry_id                    5G4T 
_atom_sites.fract_transf_matrix[1][1]   0.01504616 
_atom_sites.fract_transf_matrix[1][2]   -0.00643456 
_atom_sites.fract_transf_matrix[1][3]   -0.00140306 
_atom_sites.fract_transf_matrix[2][1]   0.00391689 
_atom_sites.fract_transf_matrix[2][2]   -0.00891839 
_atom_sites.fract_transf_matrix[2][3]   -0.01322377 
_atom_sites.fract_transf_matrix[3][1]   0.00649570 
_atom_sites.fract_transf_matrix[3][2]   0.01731606 
_atom_sites.fract_transf_matrix[3][3]   -0.00975428 
_atom_sites.fract_transf_vector[1]      0.869821 
_atom_sites.fract_transf_vector[2]      0.248163 
_atom_sites.fract_transf_vector[3]      1.083864 
# 
loop_
_atom_type.symbol 
C 
N 
O 
P 
# 
loop_
_atom_site.group_PDB 
_atom_site.id 
_atom_site.type_symbol 
_atom_site.label_atom_id 
_atom_site.label_alt_id 
_atom_site.label_comp_id 
_atom_site.label_asym_id 
_atom_site.label_entity_id 
_atom_site.label_seq_id 
_atom_site.pdbx_PDB_ins_code 
_atom_site.Cartn_x 
_atom_site.Cartn_y 
_atom_site.Cartn_z 
_atom_site.occupancy 
_atom_site.B_iso_or_equiv 
_atom_site.pdbx_formal_charge 
_atom_site.auth_seq_id 
_atom_site.auth_comp_id 
_atom_site.auth_asym_id 
_atom_site.auth_atom_id 
_atom_site.pdbx_PDB_model_num 
ATOM 1   P P     . G A 1 1  ? 0.430   12.009  15.692  1.00 175.91 ? 1  G A P     1 
ATOM 2   O OP1   . G A 1 1  ? -1.002  11.626  15.788  1.00 177.40 ? 1  G A OP1   1 
ATOM 3   O OP2   . G A 1 1  ? 0.894   13.264  16.346  1.00 169.43 ? 1  G A OP2   1 
ATOM 4   O "O5'" . G A 1 1  ? 1.294   10.787  16.241  1.00 160.12 ? 1  G A "O5'" 1 
ATOM 5   C "C5'" . G A 1 1  ? 2.614   10.987  16.726  1.00 151.27 ? 1  G A "C5'" 1 
ATOM 6   C "C4'" . G A 1 1  ? 3.415   9.711   16.695  1.00 141.78 ? 1  G A "C4'" 1 
ATOM 7   O "O4'" . G A 1 1  ? 2.659   8.655   17.342  1.00 151.28 ? 1  G A "O4'" 1 
ATOM 8   C "C3'" . G A 1 1  ? 3.731   9.148   15.315  1.00 137.60 ? 1  G A "C3'" 1 
ATOM 9   O "O3'" . G A 1 1  ? 4.868   9.741   14.719  1.00 144.17 ? 1  G A "O3'" 1 
ATOM 10  C "C2'" . G A 1 1  ? 3.915   7.668   15.597  1.00 136.93 ? 1  G A "C2'" 1 
ATOM 11  O "O2'" . G A 1 1  ? 5.185   7.429   16.186  1.00 137.53 ? 1  G A "O2'" 1 
ATOM 12  C "C1'" . G A 1 1  ? 2.839   7.438   16.650  1.00 144.42 ? 1  G A "C1'" 1 
ATOM 13  N N9    . G A 1 1  ? 1.553   7.083   16.027  1.00 137.85 ? 1  G A N9    1 
ATOM 14  C C8    . G A 1 1  ? 0.435   7.879   15.980  1.00 136.29 ? 1  G A C8    1 
ATOM 15  N N7    . G A 1 1  ? -0.564  7.321   15.360  1.00 129.76 ? 1  G A N7    1 
ATOM 16  C C5    . G A 1 1  ? -0.067  6.084   14.976  1.00 126.71 ? 1  G A C5    1 
ATOM 17  C C6    . G A 1 1  ? -0.707  5.050   14.262  1.00 125.62 ? 1  G A C6    1 
ATOM 18  O O6    . G A 1 1  ? -1.880  5.050   13.864  1.00 127.16 ? 1  G A O6    1 
ATOM 19  N N1    . G A 1 1  ? 0.140   3.956   14.077  1.00 123.24 ? 1  G A N1    1 
ATOM 20  C C2    . G A 1 1  ? 1.444   3.890   14.522  1.00 122.08 ? 1  G A C2    1 
ATOM 21  N N2    . G A 1 1  ? 2.123   2.769   14.252  1.00 120.49 ? 1  G A N2    1 
ATOM 22  N N3    . G A 1 1  ? 2.053   4.856   15.189  1.00 123.02 ? 1  G A N3    1 
ATOM 23  C C4    . G A 1 1  ? 1.241   5.916   15.376  1.00 125.29 ? 1  G A C4    1 
ATOM 24  P P     . G A 1 2  ? 5.089   9.639   13.132  1.00 138.11 ? 2  G A P     1 
ATOM 25  O OP1   . G A 1 2  ? 6.315   10.421  12.821  1.00 146.22 ? 2  G A OP1   1 
ATOM 26  O OP2   . G A 1 2  ? 3.797   9.958   12.467  1.00 130.38 ? 2  G A OP2   1 
ATOM 27  O "O5'" . G A 1 2  ? 5.394   8.097   12.867  1.00 131.04 ? 2  G A "O5'" 1 
ATOM 28  C "C5'" . G A 1 2  ? 6.619   7.505   13.276  1.00 119.90 ? 2  G A "C5'" 1 
ATOM 29  C "C4'" . G A 1 2  ? 6.712   6.078   12.804  1.00 123.52 ? 2  G A "C4'" 1 
ATOM 30  O "O4'" . G A 1 2  ? 5.627   5.309   13.387  1.00 134.58 ? 2  G A "O4'" 1 
ATOM 31  C "C3'" . G A 1 2  ? 6.544   5.863   11.308  1.00 132.43 ? 2  G A "C3'" 1 
ATOM 32  O "O3'" . G A 1 2  ? 7.718   6.109   10.562  1.00 129.44 ? 2  G A "O3'" 1 
ATOM 33  C "C2'" . G A 1 2  ? 6.062   4.422   11.235  1.00 136.30 ? 2  G A "C2'" 1 
ATOM 34  O "O2'" . G A 1 2  ? 7.138   3.517   11.437  1.00 138.42 ? 2  G A "O2'" 1 
ATOM 35  C "C1'" . G A 1 2  ? 5.145   4.365   12.452  1.00 128.88 ? 2  G A "C1'" 1 
ATOM 36  N N9    . G A 1 2  ? 3.766   4.734   12.093  1.00 118.10 ? 2  G A N9    1 
ATOM 37  C C8    . G A 1 2  ? 3.122   5.906   12.404  1.00 121.82 ? 2  G A C8    1 
ATOM 38  N N7    . G A 1 2  ? 1.902   5.955   11.946  1.00 123.45 ? 2  G A N7    1 
ATOM 39  C C5    . G A 1 2  ? 1.733   4.742   11.294  1.00 117.04 ? 2  G A C5    1 
ATOM 40  C C6    . G A 1 2  ? 0.611   4.226   10.599  1.00 117.64 ? 2  G A C6    1 
ATOM 41  O O6    . G A 1 2  ? -0.490  4.763   10.426  1.00 124.10 ? 2  G A O6    1 
ATOM 42  N N1    . G A 1 2  ? 0.870   2.962   10.081  1.00 115.13 ? 2  G A N1    1 
ATOM 43  C C2    . G A 1 2  ? 2.054   2.276   10.215  1.00 119.85 ? 2  G A C2    1 
ATOM 44  N N2    . G A 1 2  ? 2.124   1.061   9.652   1.00 113.83 ? 2  G A N2    1 
ATOM 45  N N3    . G A 1 2  ? 3.105   2.752   10.865  1.00 122.31 ? 2  G A N3    1 
ATOM 46  C C4    . G A 1 2  ? 2.876   3.979   11.370  1.00 115.25 ? 2  G A C4    1 
ATOM 47  P P     . C A 1 3  ? 7.605   6.812   9.124   1.00 128.59 ? 3  C A P     1 
ATOM 48  O OP1   . C A 1 3  ? 8.973   7.220   8.708   1.00 137.56 ? 3  C A OP1   1 
ATOM 49  O OP2   . C A 1 3  ? 6.507   7.813   9.194   1.00 140.46 ? 3  C A OP2   1 
ATOM 50  O "O5'" . C A 1 3  ? 7.100   5.648   8.165   1.00 118.40 ? 3  C A "O5'" 1 
ATOM 51  C "C5'" . C A 1 3  ? 7.746   4.388   8.162   1.00 111.55 ? 3  C A "C5'" 1 
ATOM 52  C "C4'" . C A 1 3  ? 6.923   3.353   7.444   1.00 109.06 ? 3  C A "C4'" 1 
ATOM 53  O "O4'" . C A 1 3  ? 5.701   3.081   8.175   1.00 111.90 ? 3  C A "O4'" 1 
ATOM 54  C "C3'" . C A 1 3  ? 6.420   3.734   6.069   1.00 115.07 ? 3  C A "C3'" 1 
ATOM 55  O "O3'" . C A 1 3  ? 7.404   3.672   5.060   1.00 121.60 ? 3  C A "O3'" 1 
ATOM 56  C "C2'" . C A 1 3  ? 5.281   2.752   5.870   1.00 114.11 ? 3  C A "C2'" 1 
ATOM 57  O "O2'" . C A 1 3  ? 5.791   1.458   5.597   1.00 124.63 ? 3  C A "O2'" 1 
ATOM 58  C "C1'" . C A 1 3  ? 4.679   2.723   7.267   1.00 108.54 ? 3  C A "C1'" 1 
ATOM 59  N N1    . C A 1 3  ? 3.552   3.671   7.403   1.00 116.66 ? 3  C A N1    1 
ATOM 60  C C2    . C A 1 3  ? 2.362   3.391   6.715   1.00 123.98 ? 3  C A C2    1 
ATOM 61  O O2    . C A 1 3  ? 2.307   2.367   6.009   1.00 107.86 ? 3  C A O2    1 
ATOM 62  N N3    . C A 1 3  ? 1.316   4.245   6.837   1.00 125.41 ? 3  C A N3    1 
ATOM 63  C C4    . C A 1 3  ? 1.432   5.327   7.611   1.00 111.90 ? 3  C A C4    1 
ATOM 64  N N4    . C A 1 3  ? 0.382   6.141   7.707   1.00 112.32 ? 3  C A N4    1 
ATOM 65  C C5    . C A 1 3  ? 2.630   5.628   8.321   1.00 111.07 ? 3  C A C5    1 
ATOM 66  C C6    . C A 1 3  ? 3.657   4.779   8.196   1.00 110.04 ? 3  C A C6    1 
ATOM 67  P P     . G A 1 4  ? 7.384   4.767   3.888   1.00 117.35 ? 4  G A P     1 
ATOM 68  O OP1   . G A 1 4  ? 8.525   4.469   2.978   1.00 135.40 ? 4  G A OP1   1 
ATOM 69  O OP2   . G A 1 4  ? 7.247   6.099   4.533   1.00 121.81 ? 4  G A OP2   1 
ATOM 70  O "O5'" . G A 1 4  ? 6.012   4.496   3.122   1.00 108.16 ? 4  G A "O5'" 1 
ATOM 71  C "C5'" . G A 1 4  ? 5.776   3.256   2.476   1.00 104.27 ? 4  G A "C5'" 1 
ATOM 72  C "C4'" . G A 1 4  ? 4.415   3.218   1.836   1.00 101.61 ? 4  G A "C4'" 1 
ATOM 73  O "O4'" . G A 1 4  ? 3.380   3.195   2.849   1.00 105.82 ? 4  G A "O4'" 1 
ATOM 74  C "C3'" . G A 1 4  ? 4.050   4.419   0.995   1.00 111.60 ? 4  G A "C3'" 1 
ATOM 75  O "O3'" . G A 1 4  ? 4.674   4.425   -0.271  1.00 114.55 ? 4  G A "O3'" 1 
ATOM 76  C "C2'" . G A 1 4  ? 2.532   4.332   0.947   1.00 104.80 ? 4  G A "C2'" 1 
ATOM 77  O "O2'" . G A 1 4  ? 2.118   3.327   0.036   1.00 107.81 ? 4  G A "O2'" 1 
ATOM 78  C "C1'" . G A 1 4  ? 2.224   3.852   2.365   1.00 102.28 ? 4  G A "C1'" 1 
ATOM 79  N N9    . G A 1 4  ? 1.902   4.980   3.255   1.00 107.42 ? 4  G A N9    1 
ATOM 80  C C8    . G A 1 4  ? 2.728   5.608   4.151   1.00 111.62 ? 4  G A C8    1 
ATOM 81  N N7    . G A 1 4  ? 2.149   6.592   4.790   1.00 111.62 ? 4  G A N7    1 
ATOM 82  C C5    . G A 1 4  ? 0.865   6.611   4.276   1.00 106.87 ? 4  G A C5    1 
ATOM 83  C C6    . G A 1 4  ? -0.222  7.454   4.581   1.00 111.15 ? 4  G A C6    1 
ATOM 84  O O6    . G A 1 4  ? -0.263  8.381   5.397   1.00 123.20 ? 4  G A O6    1 
ATOM 85  N N1    . G A 1 4  ? -1.341  7.125   3.825   1.00 112.04 ? 4  G A N1    1 
ATOM 86  C C2    . G A 1 4  ? -1.409  6.118   2.897   1.00 109.63 ? 4  G A C2    1 
ATOM 87  N N2    . G A 1 4  ? -2.586  5.963   2.270   1.00 116.08 ? 4  G A N2    1 
ATOM 88  N N3    . G A 1 4  ? -0.395  5.325   2.606   1.00 106.23 ? 4  G A N3    1 
ATOM 89  C C4    . G A 1 4  ? 0.698   5.630   3.328   1.00 104.97 ? 4  G A C4    1 
ATOM 90  P P     . A A 1 5  ? 5.370   5.777   -0.775  1.00 127.57 ? 5  A A P     1 
ATOM 91  O OP1   . A A 1 5  ? 6.841   5.590   -0.728  1.00 145.50 ? 5  A A OP1   1 
ATOM 92  O OP2   . A A 1 5  ? 4.741   6.901   -0.025  1.00 123.04 ? 5  A A OP2   1 
ATOM 93  O "O5'" . A A 1 5  ? 4.913   5.896   -2.292  1.00 129.06 ? 5  A A "O5'" 1 
ATOM 94  C "C5'" . A A 1 5  ? 3.534   5.907   -2.637  1.00 118.81 ? 5  A A "C5'" 1 
ATOM 95  C "C4'" . A A 1 5  ? 3.343   6.195   -4.103  1.00 125.33 ? 5  A A "C4'" 1 
ATOM 96  O "O4'" . A A 1 5  ? 1.987   5.843   -4.489  1.00 132.36 ? 5  A A "O4'" 1 
ATOM 97  C "C3'" . A A 1 5  ? 3.527   7.653   -4.504  1.00 121.20 ? 5  A A "C3'" 1 
ATOM 98  O "O3'" . A A 1 5  ? 3.993   7.694   -5.849  1.00 117.10 ? 5  A A "O3'" 1 
ATOM 99  C "C2'" . A A 1 5  ? 2.099   8.182   -4.443  1.00 121.56 ? 5  A A "C2'" 1 
ATOM 100 O "O2'" . A A 1 5  ? 1.871   9.358   -5.189  1.00 133.78 ? 5  A A "O2'" 1 
ATOM 101 C "C1'" . A A 1 5  ? 1.321   6.986   -4.988  1.00 116.53 ? 5  A A "C1'" 1 
ATOM 102 N N9    . A A 1 5  ? -0.080  6.907   -4.565  1.00 107.77 ? 5  A A N9    1 
ATOM 103 C C8    . A A 1 5  ? -1.194  6.843   -5.367  1.00 112.26 ? 5  A A C8    1 
ATOM 104 N N7    . A A 1 5  ? -2.322  6.762   -4.702  1.00 122.51 ? 5  A A N7    1 
ATOM 105 C C5    . A A 1 5  ? -1.919  6.764   -3.375  1.00 104.43 ? 5  A A C5    1 
ATOM 106 C C6    . A A 1 5  ? -2.638  6.698   -2.172  1.00 111.85 ? 5  A A C6    1 
ATOM 107 N N6    . A A 1 5  ? -3.966  6.616   -2.118  1.00 127.43 ? 5  A A N6    1 
ATOM 108 N N1    . A A 1 5  ? -1.945  6.719   -1.011  1.00 112.79 ? 5  A A N1    1 
ATOM 109 C C2    . A A 1 5  ? -0.609  6.803   -1.078  1.00 121.54 ? 5  A A C2    1 
ATOM 110 N N3    . A A 1 5  ? 0.182   6.871   -2.151  1.00 116.21 ? 5  A A N3    1 
ATOM 111 C C4    . A A 1 5  ? -0.544  6.846   -3.277  1.00 106.18 ? 5  A A C4    1 
ATOM 112 P P     . A A 1 6  ? 5.362   8.449   -6.218  1.00 127.84 ? 6  A A P     1 
ATOM 113 O OP1   . A A 1 6  ? 5.514   9.600   -5.291  1.00 138.29 ? 6  A A OP1   1 
ATOM 114 O OP2   . A A 1 6  ? 5.369   8.668   -7.687  1.00 134.98 ? 6  A A OP2   1 
ATOM 115 O "O5'" . A A 1 6  ? 6.508   7.397   -5.877  1.00 126.96 ? 6  A A "O5'" 1 
ATOM 116 C "C5'" . A A 1 6  ? 6.573   6.139   -6.538  1.00 132.60 ? 6  A A "C5'" 1 
ATOM 117 C "C4'" . A A 1 6  ? 7.697   5.283   -6.002  1.00 133.44 ? 6  A A "C4'" 1 
ATOM 118 O "O4'" . A A 1 6  ? 8.967   5.951   -6.236  1.00 136.00 ? 6  A A "O4'" 1 
ATOM 119 C "C3'" . A A 1 6  ? 7.644   4.990   -4.505  1.00 126.23 ? 6  A A "C3'" 1 
ATOM 120 O "O3'" . A A 1 6  ? 8.229   3.710   -4.264  1.00 128.66 ? 6  A A "O3'" 1 
ATOM 121 C "C2'" . A A 1 6  ? 8.556   6.067   -3.927  1.00 135.21 ? 6  A A "C2'" 1 
ATOM 122 O "O2'" . A A 1 6  ? 9.099   5.750   -2.665  1.00 137.21 ? 6  A A "O2'" 1 
ATOM 123 C "C1'" . A A 1 6  ? 9.634   6.152   -5.004  1.00 140.83 ? 6  A A "C1'" 1 
ATOM 124 N N9    . A A 1 6  ? 10.343  7.434   -5.081  1.00 155.94 ? 6  A A N9    1 
ATOM 125 C C8    . A A 1 6  ? 10.282  8.342   -6.111  1.00 163.12 ? 6  A A C8    1 
ATOM 126 N N7    . A A 1 6  ? 11.040  9.398   -5.942  1.00 164.67 ? 6  A A N7    1 
ATOM 127 C C5    . A A 1 6  ? 11.658  9.162   -4.722  1.00 168.40 ? 6  A A C5    1 
ATOM 128 C C6    . A A 1 6  ? 12.585  9.918   -3.984  1.00 173.18 ? 6  A A C6    1 
ATOM 129 N N6    . A A 1 6  ? 13.059  11.098  -4.391  1.00 175.01 ? 6  A A N6    1 
ATOM 130 N N1    . A A 1 6  ? 13.009  9.411   -2.803  1.00 176.12 ? 6  A A N1    1 
ATOM 131 C C2    . A A 1 6  ? 12.527  8.223   -2.405  1.00 172.10 ? 6  A A C2    1 
ATOM 132 N N3    . A A 1 6  ? 11.652  7.419   -3.012  1.00 166.54 ? 6  A A N3    1 
ATOM 133 C C4    . A A 1 6  ? 11.253  7.950   -4.185  1.00 164.93 ? 6  A A C4    1 
ATOM 134 P P     . G A 1 7  ? 7.485   2.357   -4.723  1.00 137.57 ? 7  G A P     1 
ATOM 135 O OP1   . G A 1 7  ? 7.969   1.255   -3.854  1.00 141.76 ? 7  G A OP1   1 
ATOM 136 O OP2   . G A 1 7  ? 7.574   2.214   -6.200  1.00 135.74 ? 7  G A OP2   1 
ATOM 137 O "O5'" . G A 1 7  ? 5.964   2.603   -4.339  1.00 133.54 ? 7  G A "O5'" 1 
ATOM 138 C "C5'" . G A 1 7  ? 5.542   2.579   -2.981  1.00 125.50 ? 7  G A "C5'" 1 
ATOM 139 C "C4'" . G A 1 7  ? 4.116   2.119   -2.875  1.00 120.91 ? 7  G A "C4'" 1 
ATOM 140 O "O4'" . G A 1 7  ? 3.286   2.972   -3.714  1.00 123.48 ? 7  G A "O4'" 1 
ATOM 141 C "C3'" . G A 1 7  ? 3.869   0.688   -3.350  1.00 125.04 ? 7  G A "C3'" 1 
ATOM 142 O "O3'" . G A 1 7  ? 2.804   0.120   -2.592  1.00 136.05 ? 7  G A "O3'" 1 
ATOM 143 C "C2'" . G A 1 7  ? 3.401   0.892   -4.780  1.00 122.34 ? 7  G A "C2'" 1 
ATOM 144 O "O2'" . G A 1 7  ? 2.627   -0.169  -5.296  1.00 132.81 ? 7  G A "O2'" 1 
ATOM 145 C "C1'" . G A 1 7  ? 2.586   2.175   -4.643  1.00 121.44 ? 7  G A "C1'" 1 
ATOM 146 N N9    . G A 1 7  ? 2.405   2.889   -5.912  1.00 120.26 ? 7  G A N9    1 
ATOM 147 C C8    . G A 1 7  ? 3.356   3.182   -6.855  1.00 117.95 ? 7  G A C8    1 
ATOM 148 N N7    . G A 1 7  ? 2.862   3.777   -7.907  1.00 121.20 ? 7  G A N7    1 
ATOM 149 C C5    . G A 1 7  ? 1.499   3.867   -7.655  1.00 119.50 ? 7  G A C5    1 
ATOM 150 C C6    . G A 1 7  ? 0.441   4.414   -8.433  1.00 128.51 ? 7  G A C6    1 
ATOM 151 O O6    . G A 1 7  ? 0.494   4.951   -9.547  1.00 150.94 ? 7  G A O6    1 
ATOM 152 N N1    . G A 1 7  ? -0.785  4.294   -7.789  1.00 120.83 ? 7  G A N1    1 
ATOM 153 C C2    . G A 1 7  ? -0.972  3.717   -6.555  1.00 125.80 ? 7  G A C2    1 
ATOM 154 N N2    . G A 1 7  ? -2.231  3.687   -6.086  1.00 123.61 ? 7  G A N2    1 
ATOM 155 N N3    . G A 1 7  ? 0.004   3.204   -5.824  1.00 122.76 ? 7  G A N3    1 
ATOM 156 C C4    . G A 1 7  ? 1.204   3.314   -6.429  1.00 118.62 ? 7  G A C4    1 
ATOM 157 P P     . A A 1 8  ? 2.878   -1.404  -2.089  1.00 122.61 ? 8  A A P     1 
ATOM 158 O OP1   . A A 1 8  ? 4.280   -1.677  -1.678  1.00 123.84 ? 8  A A OP1   1 
ATOM 159 O OP2   . A A 1 8  ? 2.237   -2.248  -3.130  1.00 117.65 ? 8  A A OP2   1 
ATOM 160 O "O5'" . A A 1 8  ? 1.939   -1.418  -0.801  1.00 111.68 ? 8  A A "O5'" 1 
ATOM 161 C "C5'" . A A 1 8  ? 2.366   -0.837  0.423   1.00 117.04 ? 8  A A "C5'" 1 
ATOM 162 C "C4'" . A A 1 8  ? 1.237   -0.784  1.422   1.00 118.36 ? 8  A A "C4'" 1 
ATOM 163 O "O4'" . A A 1 8  ? 0.331   0.293   1.067   1.00 123.08 ? 8  A A "O4'" 1 
ATOM 164 C "C3'" . A A 1 8  ? 0.352   -2.022  1.468   1.00 114.78 ? 8  A A "C3'" 1 
ATOM 165 O "O3'" . A A 1 8  ? 0.873   -3.049  2.295   1.00 104.60 ? 8  A A "O3'" 1 
ATOM 166 C "C2'" . A A 1 8  ? -0.984  -1.469  1.938   1.00 115.18 ? 8  A A "C2'" 1 
ATOM 167 O "O2'" . A A 1 8  ? -0.968  -1.232  3.338   1.00 123.65 ? 8  A A "O2'" 1 
ATOM 168 C "C1'" . A A 1 8  ? -1.005  -0.125  1.222   1.00 121.16 ? 8  A A "C1'" 1 
ATOM 169 N N9    . A A 1 8  ? -1.565  -0.259  -0.128  1.00 126.76 ? 8  A A N9    1 
ATOM 170 C C8    . A A 1 8  ? -0.859  -0.148  -1.296  1.00 127.79 ? 8  A A C8    1 
ATOM 171 N N7    . A A 1 8  ? -1.587  -0.315  -2.366  1.00 127.07 ? 8  A A N7    1 
ATOM 172 C C5    . A A 1 8  ? -2.855  -0.555  -1.861  1.00 126.62 ? 8  A A C5    1 
ATOM 173 C C6    . A A 1 8  ? -4.069  -0.810  -2.505  1.00 126.53 ? 8  A A C6    1 
ATOM 174 N N6    . A A 1 8  ? -4.170  -0.861  -3.835  1.00 128.89 ? 8  A A N6    1 
ATOM 175 N N1    . A A 1 8  ? -5.160  -1.009  -1.731  1.00 126.61 ? 8  A A N1    1 
ATOM 176 C C2    . A A 1 8  ? -5.017  -0.954  -0.397  1.00 124.96 ? 8  A A C2    1 
ATOM 177 N N3    . A A 1 8  ? -3.922  -0.722  0.329   1.00 120.43 ? 8  A A N3    1 
ATOM 178 C C4    . A A 1 8  ? -2.864  -0.527  -0.478  1.00 124.60 ? 8  A A C4    1 
ATOM 179 P P     . A A 1 9  ? 0.887   -4.565  1.771   1.00 124.07 ? 9  A A P     1 
ATOM 180 O OP1   . A A 1 9  ? 1.781   -5.324  2.682   1.00 134.75 ? 9  A A OP1   1 
ATOM 181 O OP2   . A A 1 9  ? 1.146   -4.558  0.308   1.00 120.54 ? 9  A A OP2   1 
ATOM 182 O "O5'" . A A 1 9  ? -0.611  -5.054  1.994   1.00 121.82 ? 9  A A "O5'" 1 
ATOM 183 C "C5'" . A A 1 9  ? -1.264  -4.838  3.236   1.00 122.19 ? 9  A A "C5'" 1 
ATOM 184 C "C4'" . A A 1 9  ? -2.761  -4.976  3.109   1.00 132.07 ? 9  A A "C4'" 1 
ATOM 185 O "O4'" . A A 1 9  ? -3.286  -3.935  2.244   1.00 141.57 ? 9  A A "O4'" 1 
ATOM 186 C "C3'" . A A 1 9  ? -3.264  -6.265  2.481   1.00 130.55 ? 9  A A "C3'" 1 
ATOM 187 O "O3'" . A A 1 9  ? -3.287  -7.345  3.395   1.00 132.87 ? 9  A A "O3'" 1 
ATOM 188 C "C2'" . A A 1 9  ? -4.643  -5.869  1.973   1.00 135.62 ? 9  A A "C2'" 1 
ATOM 189 O "O2'" . A A 1 9  ? -5.579  -5.852  3.039   1.00 141.65 ? 9  A A "O2'" 1 
ATOM 190 C "C1'" . A A 1 9  ? -4.398  -4.426  1.523   1.00 141.09 ? 9  A A "C1'" 1 
ATOM 191 N N9    . A A 1 9  ? -4.099  -4.340  0.081   1.00 140.89 ? 9  A A N9    1 
ATOM 192 C C8    . A A 1 9  ? -2.937  -3.913  -0.514  1.00 136.72 ? 9  A A C8    1 
ATOM 193 N N7    . A A 1 9  ? -2.965  -3.954  -1.824  1.00 132.54 ? 9  A A N7    1 
ATOM 194 C C5    . A A 1 9  ? -4.232  -4.442  -2.114  1.00 140.49 ? 9  A A C5    1 
ATOM 195 C C6    . A A 1 9  ? -4.883  -4.718  -3.331  1.00 145.34 ? 9  A A C6    1 
ATOM 196 N N6    . A A 1 9  ? -4.324  -4.534  -4.531  1.00 147.76 ? 9  A A N6    1 
ATOM 197 N N1    . A A 1 9  ? -6.145  -5.195  -3.270  1.00 151.97 ? 9  A A N1    1 
ATOM 198 C C2    . A A 1 9  ? -6.704  -5.380  -2.066  1.00 153.61 ? 9  A A C2    1 
ATOM 199 N N3    . A A 1 9  ? -6.194  -5.159  -0.857  1.00 147.59 ? 9  A A N3    1 
ATOM 200 C C4    . A A 1 9  ? -4.940  -4.684  -0.950  1.00 142.34 ? 9  A A C4    1 
ATOM 201 P P     . C A 1 10 ? -2.507  -8.707  3.054   1.00 139.70 ? 10 C A P     1 
ATOM 202 O OP1   . C A 1 10 ? -2.705  -9.640  4.195   1.00 140.45 ? 10 C A OP1   1 
ATOM 203 O OP2   . C A 1 10 ? -1.129  -8.375  2.602   1.00 121.22 ? 10 C A OP2   1 
ATOM 204 O "O5'" . C A 1 10 ? -3.308  -9.291  1.812   1.00 148.41 ? 10 C A "O5'" 1 
ATOM 205 C "C5'" . C A 1 10 ? -4.683  -9.627  1.929   1.00 152.84 ? 10 C A "C5'" 1 
ATOM 206 C "C4'" . C A 1 10 ? -5.308  -9.809  0.573   1.00 151.31 ? 10 C A "C4'" 1 
ATOM 207 O "O4'" . C A 1 10 ? -5.317  -8.535  -0.130  1.00 144.58 ? 10 C A "O4'" 1 
ATOM 208 C "C3'" . C A 1 10 ? -4.564  -10.743 -0.369  1.00 150.16 ? 10 C A "C3'" 1 
ATOM 209 O "O3'" . C A 1 10 ? -4.814  -12.120 -0.133  1.00 153.10 ? 10 C A "O3'" 1 
ATOM 210 C "C2'" . C A 1 10 ? -5.016  -10.253 -1.734  1.00 146.67 ? 10 C A "C2'" 1 
ATOM 211 O "O2'" . C A 1 10 ? -6.331  -10.711 -2.021  1.00 143.99 ? 10 C A "O2'" 1 
ATOM 212 C "C1'" . C A 1 10 ? -5.052  -8.741  -1.502  1.00 144.46 ? 10 C A "C1'" 1 
ATOM 213 N N1    . C A 1 10 ? -3.741  -8.123  -1.821  1.00 137.25 ? 10 C A N1    1 
ATOM 214 C C2    . C A 1 10 ? -3.318  -8.051  -3.154  1.00 136.37 ? 10 C A C2    1 
ATOM 215 O O2    . C A 1 10 ? -4.058  -8.489  -4.046  1.00 143.72 ? 10 C A O2    1 
ATOM 216 N N3    . C A 1 10 ? -2.113  -7.506  -3.439  1.00 131.23 ? 10 C A N3    1 
ATOM 217 C C4    . C A 1 10 ? -1.332  -7.043  -2.465  1.00 128.56 ? 10 C A C4    1 
ATOM 218 N N4    . C A 1 10 ? -0.150  -6.510  -2.795  1.00 126.23 ? 10 C A N4    1 
ATOM 219 C C5    . C A 1 10 ? -1.734  -7.107  -1.100  1.00 129.72 ? 10 C A C5    1 
ATOM 220 C C6    . C A 1 10 ? -2.929  -7.648  -0.829  1.00 133.48 ? 10 C A C6    1 
ATOM 221 P P     . U A 1 11 ? -3.611  -13.189 -0.223  1.00 156.77 ? 11 U A P     1 
ATOM 222 O OP1   . U A 1 11 ? -4.123  -14.500 0.248   1.00 166.76 ? 11 U A OP1   1 
ATOM 223 O OP2   . U A 1 11 ? -2.407  -12.610 0.422   1.00 145.95 ? 11 U A OP2   1 
ATOM 224 O "O5'" . U A 1 11 ? -3.311  -13.299 -1.784  1.00 163.08 ? 11 U A "O5'" 1 
ATOM 225 C "C5'" . U A 1 11 ? -4.369  -13.510 -2.707  1.00 167.54 ? 11 U A "C5'" 1 
ATOM 226 C "C4'" . U A 1 11 ? -3.980  -13.119 -4.112  1.00 171.60 ? 11 U A "C4'" 1 
ATOM 227 O "O4'" . U A 1 11 ? -3.498  -11.753 -4.149  1.00 173.80 ? 11 U A "O4'" 1 
ATOM 228 C "C3'" . U A 1 11 ? -2.853  -13.915 -4.742  1.00 170.28 ? 11 U A "C3'" 1 
ATOM 229 O "O3'" . U A 1 11 ? -3.278  -15.182 -5.214  1.00 177.44 ? 11 U A "O3'" 1 
ATOM 230 C "C2'" . U A 1 11 ? -2.371  -12.985 -5.850  1.00 171.97 ? 11 U A "C2'" 1 
ATOM 231 O "O2'" . U A 1 11 ? -3.217  -13.082 -6.987  1.00 179.99 ? 11 U A "O2'" 1 
ATOM 232 C "C1'" . U A 1 11 ? -2.577  -11.604 -5.212  1.00 165.98 ? 11 U A "C1'" 1 
ATOM 233 N N1    . U A 1 11 ? -1.320  -10.988 -4.714  1.00 146.30 ? 11 U A N1    1 
ATOM 234 C C2    . U A 1 11 ? -0.357  -10.614 -5.647  1.00 150.75 ? 11 U A C2    1 
ATOM 235 O O2    . U A 1 11 ? -0.506  -10.788 -6.846  1.00 157.30 ? 11 U A O2    1 
ATOM 236 N N3    . U A 1 11 ? 0.799   -10.044 -5.143  1.00 146.31 ? 11 U A N3    1 
ATOM 237 C C4    . U A 1 11 ? 1.045   -9.801  -3.804  1.00 140.41 ? 11 U A C4    1 
ATOM 238 O O4    . U A 1 11 ? 2.111   -9.278  -3.472  1.00 138.35 ? 11 U A O4    1 
ATOM 239 C C5    . U A 1 11 ? 0.000   -10.204 -2.908  1.00 136.28 ? 11 U A C5    1 
ATOM 240 C C6    . U A 1 11 ? -1.121  -10.764 -3.374  1.00 138.68 ? 11 U A C6    1 
ATOM 241 P P     . G B 2 1  ? 7.018   -5.085  -12.027 1.00 163.18 ? 12 G B P     1 
ATOM 242 O OP1   . G B 2 1  ? 7.423   -5.062  -10.597 1.00 142.24 ? 12 G B OP1   1 
ATOM 243 O OP2   . G B 2 1  ? 7.980   -4.644  -13.068 1.00 173.33 ? 12 G B OP2   1 
ATOM 244 O "O5'" . G B 2 1  ? 6.562   -6.558  -12.421 1.00 149.66 ? 12 G B "O5'" 1 
ATOM 245 C "C5'" . G B 2 1  ? 6.342   -6.906  -13.780 1.00 162.53 ? 12 G B "C5'" 1 
ATOM 246 C "C4'" . G B 2 1  ? 5.097   -7.739  -13.945 1.00 173.52 ? 12 G B "C4'" 1 
ATOM 247 O "O4'" . G B 2 1  ? 5.202   -8.938  -13.129 1.00 176.04 ? 12 G B "O4'" 1 
ATOM 248 C "C3'" . G B 2 1  ? 3.795   -7.098  -13.483 1.00 170.87 ? 12 G B "C3'" 1 
ATOM 249 O "O3'" . G B 2 1  ? 3.233   -6.199  -14.423 1.00 173.67 ? 12 G B "O3'" 1 
ATOM 250 C "C2'" . G B 2 1  ? 2.923   -8.309  -13.198 1.00 174.19 ? 12 G B "C2'" 1 
ATOM 251 O "O2'" . G B 2 1  ? 2.471   -8.899  -14.408 1.00 177.37 ? 12 G B "O2'" 1 
ATOM 252 C "C1'" . G B 2 1  ? 3.945   -9.243  -12.558 1.00 170.48 ? 12 G B "C1'" 1 
ATOM 253 N N9    . G B 2 1  ? 4.037   -8.987  -11.115 1.00 157.75 ? 12 G B N9    1 
ATOM 254 C C8    . G B 2 1  ? 5.065   -8.339  -10.475 1.00 156.58 ? 12 G B C8    1 
ATOM 255 N N7    . G B 2 1  ? 4.883   -8.227  -9.189  1.00 148.85 ? 12 G B N7    1 
ATOM 256 C C5    . G B 2 1  ? 3.658   -8.834  -8.973  1.00 145.39 ? 12 G B C5    1 
ATOM 257 C C6    . G B 2 1  ? 2.949   -9.003  -7.766  1.00 138.94 ? 12 G B C6    1 
ATOM 258 O O6    . G B 2 1  ? 3.306   -8.655  -6.634  1.00 141.61 ? 12 G B O6    1 
ATOM 259 N N1    . G B 2 1  ? 1.747   -9.672  -7.982  1.00 145.87 ? 12 G B N1    1 
ATOM 260 C C2    . G B 2 1  ? 1.288   -10.110 -9.206  1.00 157.18 ? 12 G B C2    1 
ATOM 261 N N2    . G B 2 1  ? 0.099   -10.733 -9.216  1.00 164.24 ? 12 G B N2    1 
ATOM 262 N N3    . G B 2 1  ? 1.944   -9.948  -10.343 1.00 160.73 ? 12 G B N3    1 
ATOM 263 C C4    . G B 2 1  ? 3.115   -9.306  -10.150 1.00 155.14 ? 12 G B C4    1 
ATOM 264 P P     . G B 2 2  ? 2.370   -4.941  -13.913 1.00 173.08 ? 13 G B P     1 
ATOM 265 O OP1   . G B 2 2  ? 1.985   -4.134  -15.101 1.00 178.89 ? 13 G B OP1   1 
ATOM 266 O OP2   . G B 2 2  ? 3.089   -4.305  -12.780 1.00 151.05 ? 13 G B OP2   1 
ATOM 267 O "O5'" . G B 2 2  ? 1.044   -5.594  -13.323 1.00 169.46 ? 13 G B "O5'" 1 
ATOM 268 C "C5'" . G B 2 2  ? 0.150   -6.304  -14.163 1.00 174.54 ? 13 G B "C5'" 1 
ATOM 269 C "C4'" . G B 2 2  ? -0.940  -6.964  -13.360 1.00 174.77 ? 13 G B "C4'" 1 
ATOM 270 O "O4'" . G B 2 2  ? -0.351  -7.777  -12.317 1.00 172.41 ? 13 G B "O4'" 1 
ATOM 271 C "C3'" . G B 2 2  ? -1.870  -6.027  -12.609 1.00 168.97 ? 13 G B "C3'" 1 
ATOM 272 O "O3'" . G B 2 2  ? -2.887  -5.488  -13.432 1.00 170.41 ? 13 G B "O3'" 1 
ATOM 273 C "C2'" . G B 2 2  ? -2.410  -6.912  -11.495 1.00 171.51 ? 13 G B "C2'" 1 
ATOM 274 O "O2'" . G B 2 2  ? -3.468  -7.731  -11.972 1.00 185.79 ? 13 G B "O2'" 1 
ATOM 275 C "C1'" . G B 2 2  ? -1.203  -7.800  -11.192 1.00 168.41 ? 13 G B "C1'" 1 
ATOM 276 N N9    . G B 2 2  ? -0.461  -7.361  -9.994  1.00 159.81 ? 13 G B N9    1 
ATOM 277 C C8    . G B 2 2  ? 0.844   -6.944  -9.890  1.00 158.62 ? 13 G B C8    1 
ATOM 278 N N7    . G B 2 2  ? 1.190   -6.647  -8.662  1.00 149.20 ? 13 G B N7    1 
ATOM 279 C C5    . G B 2 2  ? 0.047   -6.887  -7.913  1.00 146.92 ? 13 G B C5    1 
ATOM 280 C C6    . G B 2 2  ? -0.200  -6.745  -6.523  1.00 141.03 ? 13 G B C6    1 
ATOM 281 O O6    . G B 2 2  ? 0.568   -6.367  -5.631  1.00 131.27 ? 13 G B O6    1 
ATOM 282 N N1    . G B 2 2  ? -1.507  -7.100  -6.203  1.00 145.57 ? 13 G B N1    1 
ATOM 283 C C2    . G B 2 2  ? -2.451  -7.536  -7.096  1.00 152.88 ? 13 G B C2    1 
ATOM 284 N N2    . G B 2 2  ? -3.661  -7.832  -6.605  1.00 157.44 ? 13 G B N2    1 
ATOM 285 N N3    . G B 2 2  ? -2.232  -7.672  -8.388  1.00 156.64 ? 13 G B N3    1 
ATOM 286 C C4    . G B 2 2  ? -0.974  -7.332  -8.723  1.00 154.11 ? 13 G B C4    1 
ATOM 287 P P     . G B 2 3  ? -3.243  -3.926  -13.351 1.00 167.12 ? 14 G B P     1 
ATOM 288 O OP1   . G B 2 3  ? -4.240  -3.617  -14.410 1.00 181.28 ? 14 G B OP1   1 
ATOM 289 O OP2   . G B 2 3  ? -1.954  -3.186  -13.311 1.00 160.93 ? 14 G B OP2   1 
ATOM 290 O "O5'" . G B 2 3  ? -3.943  -3.757  -11.930 1.00 159.97 ? 14 G B "O5'" 1 
ATOM 291 C "C5'" . G B 2 3  ? -5.013  -4.599  -11.519 1.00 162.83 ? 14 G B "C5'" 1 
ATOM 292 C "C4'" . G B 2 3  ? -5.195  -4.530  -10.027 1.00 159.07 ? 14 G B "C4'" 1 
ATOM 293 O "O4'" . G B 2 3  ? -4.032  -5.089  -9.374  1.00 153.94 ? 14 G B "O4'" 1 
ATOM 294 C "C3'" . G B 2 3  ? -5.315  -3.120  -9.470  1.00 161.44 ? 14 G B "C3'" 1 
ATOM 295 O "O3'" . G B 2 3  ? -6.661  -2.689  -9.483  1.00 170.20 ? 14 G B "O3'" 1 
ATOM 296 C "C2'" . G B 2 3  ? -4.734  -3.226  -8.062  1.00 151.25 ? 14 G B "C2'" 1 
ATOM 297 O "O2'" . G B 2 3  ? -5.735  -3.629  -7.137  1.00 147.57 ? 14 G B "O2'" 1 
ATOM 298 C "C1'" . G B 2 3  ? -3.727  -4.367  -8.203  1.00 151.36 ? 14 G B "C1'" 1 
ATOM 299 N N9    . G B 2 3  ? -2.303  -3.968  -8.258  1.00 154.94 ? 14 G B N9    1 
ATOM 300 C C8    . G B 2 3  ? -1.522  -3.912  -9.389  1.00 158.82 ? 14 G B C8    1 
ATOM 301 N N7    . G B 2 3  ? -0.275  -3.601  -9.154  1.00 150.00 ? 14 G B N7    1 
ATOM 302 C C5    . G B 2 3  ? -0.215  -3.468  -7.775  1.00 145.38 ? 14 G B C5    1 
ATOM 303 C C6    . G B 2 3  ? 0.887   -3.141  -6.940  1.00 133.43 ? 14 G B C6    1 
ATOM 304 O O6    . G B 2 3  ? 2.058   -2.899  -7.261  1.00 127.60 ? 14 G B O6    1 
ATOM 305 N N1    . G B 2 3  ? 0.512   -3.110  -5.601  1.00 122.15 ? 14 G B N1    1 
ATOM 306 C C2    . G B 2 3  ? -0.755  -3.362  -5.125  1.00 123.20 ? 14 G B C2    1 
ATOM 307 N N2    . G B 2 3  ? -0.913  -3.282  -3.795  1.00 117.14 ? 14 G B N2    1 
ATOM 308 N N3    . G B 2 3  ? -1.789  -3.671  -5.894  1.00 131.86 ? 14 G B N3    1 
ATOM 309 C C4    . G B 2 3  ? -1.452  -3.705  -7.203  1.00 145.82 ? 14 G B C4    1 
ATOM 310 P P     . G B 2 4  ? -7.065  -1.279  -10.126 1.00 175.10 ? 15 G B P     1 
ATOM 311 O OP1   . G B 2 4  ? -8.413  -1.432  -10.733 1.00 185.34 ? 15 G B OP1   1 
ATOM 312 O OP2   . G B 2 4  ? -5.932  -0.797  -10.956 1.00 178.52 ? 15 G B OP2   1 
ATOM 313 O "O5'" . G B 2 4  ? -7.205  -0.334  -8.856  1.00 166.89 ? 15 G B "O5'" 1 
ATOM 314 C "C5'" . G B 2 4  ? -7.643  -0.862  -7.608  1.00 159.12 ? 15 G B "C5'" 1 
ATOM 315 C "C4'" . G B 2 4  ? -6.916  -0.227  -6.450  1.00 157.52 ? 15 G B "C4'" 1 
ATOM 316 O "O4'" . G B 2 4  ? -5.500  -0.540  -6.551  1.00 156.28 ? 15 G B "O4'" 1 
ATOM 317 C "C3'" . G B 2 4  ? -7.013  1.297   -6.384  1.00 159.77 ? 15 G B "C3'" 1 
ATOM 318 O "O3'" . G B 2 4  ? -7.037  1.718   -5.022  1.00 157.84 ? 15 G B "O3'" 1 
ATOM 319 C "C2'" . G B 2 4  ? -5.707  1.747   -7.028  1.00 154.88 ? 15 G B "C2'" 1 
ATOM 320 O "O2'" . G B 2 4  ? -5.277  3.033   -6.633  1.00 147.92 ? 15 G B "O2'" 1 
ATOM 321 C "C1'" . G B 2 4  ? -4.746  0.656   -6.562  1.00 148.55 ? 15 G B "C1'" 1 
ATOM 322 N N9    . G B 2 4  ? -3.577  0.468   -7.426  1.00 145.16 ? 15 G B N9    1 
ATOM 323 C C8    . G B 2 4  ? -3.550  0.437   -8.800  1.00 154.49 ? 15 G B C8    1 
ATOM 324 N N7    . G B 2 4  ? -2.351  0.260   -9.285  1.00 155.28 ? 15 G B N7    1 
ATOM 325 C C5    . G B 2 4  ? -1.534  0.168   -8.166  1.00 144.85 ? 15 G B C5    1 
ATOM 326 C C6    . G B 2 4  ? -0.130  -0.028  -8.067  1.00 138.51 ? 15 G B C6    1 
ATOM 327 O O6    . G B 2 4  ? 0.705   -0.164  -8.971  1.00 141.97 ? 15 G B O6    1 
ATOM 328 N N1    . G B 2 4  ? 0.276   -0.058  -6.739  1.00 128.84 ? 15 G B N1    1 
ATOM 329 C C2    . G B 2 4  ? -0.550  0.079   -5.650  1.00 122.02 ? 15 G B C2    1 
ATOM 330 N N2    . G B 2 4  ? 0.053   0.018   -4.457  1.00 115.53 ? 15 G B N2    1 
ATOM 331 N N3    . G B 2 4  ? -1.858  0.259   -5.725  1.00 125.25 ? 15 G B N3    1 
ATOM 332 C C4    . G B 2 4  ? -2.276  0.295   -7.009  1.00 136.82 ? 15 G B C4    1 
ATOM 333 P P     . A B 2 5  ? -8.162  2.749   -4.524  1.00 156.74 ? 16 A B P     1 
ATOM 334 O OP1   . A B 2 5  ? -9.467  2.040   -4.610  1.00 158.81 ? 16 A B OP1   1 
ATOM 335 O OP2   . A B 2 5  ? -7.958  4.033   -5.246  1.00 146.95 ? 16 A B OP2   1 
ATOM 336 O "O5'" . A B 2 5  ? -7.817  2.991   -2.988  1.00 152.42 ? 16 A B "O5'" 1 
ATOM 337 C "C5'" . A B 2 5  ? -8.167  2.032   -1.993  1.00 139.09 ? 16 A B "C5'" 1 
ATOM 338 C "C4'" . A B 2 5  ? -7.505  2.341   -0.673  1.00 125.25 ? 16 A B "C4'" 1 
ATOM 339 O "O4'" . A B 2 5  ? -6.087  2.046   -0.785  1.00 123.17 ? 16 A B "O4'" 1 
ATOM 340 C "C3'" . A B 2 5  ? -7.607  3.798   -0.215  1.00 127.70 ? 16 A B "C3'" 1 
ATOM 341 O "O3'" . A B 2 5  ? -7.664  3.859   1.209   1.00 124.88 ? 16 A B "O3'" 1 
ATOM 342 C "C2'" . A B 2 5  ? -6.281  4.389   -0.678  1.00 129.28 ? 16 A B "C2'" 1 
ATOM 343 O "O2'" . A B 2 5  ? -5.861  5.523   0.053   1.00 121.41 ? 16 A B "O2'" 1 
ATOM 344 C "C1'" . A B 2 5  ? -5.333  3.206   -0.486  1.00 122.27 ? 16 A B "C1'" 1 
ATOM 345 N N9    . A B 2 5  ? -4.170  3.246   -1.372  1.00 116.54 ? 16 A B N9    1 
ATOM 346 C C8    . A B 2 5  ? -4.156  3.288   -2.744  1.00 123.88 ? 16 A B C8    1 
ATOM 347 N N7    . A B 2 5  ? -2.953  3.335   -3.262  1.00 122.31 ? 16 A B N7    1 
ATOM 348 C C5    . A B 2 5  ? -2.122  3.327   -2.151  1.00 117.82 ? 16 A B C5    1 
ATOM 349 C C6    . A B 2 5  ? -0.725  3.364   -2.020  1.00 117.01 ? 16 A B C6    1 
ATOM 350 N N6    . A B 2 5  ? 0.107   3.419   -3.059  1.00 114.65 ? 16 A B N6    1 
ATOM 351 N N1    . A B 2 5  ? -0.211  3.344   -0.769  1.00 109.72 ? 16 A B N1    1 
ATOM 352 C C2    . A B 2 5  ? -1.053  3.291   0.269   1.00 109.29 ? 16 A B C2    1 
ATOM 353 N N3    . A B 2 5  ? -2.381  3.253   0.275   1.00 112.96 ? 16 A B N3    1 
ATOM 354 C C4    . A B 2 5  ? -2.858  3.273   -0.981  1.00 115.09 ? 16 A B C4    1 
ATOM 355 P P     . G B 2 6  ? -9.064  3.664   1.969   1.00 166.37 ? 17 G B P     1 
ATOM 356 O OP1   . G B 2 6  ? -10.147 4.033   1.026   1.00 172.99 ? 17 G B OP1   1 
ATOM 357 O OP2   . G B 2 6  ? -8.980  4.338   3.290   1.00 161.38 ? 17 G B OP2   1 
ATOM 358 O "O5'" . G B 2 6  ? -9.134  2.096   2.232   1.00 158.83 ? 17 G B "O5'" 1 
ATOM 359 C "C5'" . G B 2 6  ? -8.506  1.524   3.370   1.00 153.00 ? 17 G B "C5'" 1 
ATOM 360 C "C4'" . G B 2 6  ? -7.248  0.783   2.997   1.00 146.75 ? 17 G B "C4'" 1 
ATOM 361 O "O4'" . G B 2 6  ? -6.301  1.706   2.392   1.00 149.78 ? 17 G B "O4'" 1 
ATOM 362 C "C3'" . G B 2 6  ? -6.480  0.166   4.157   1.00 143.32 ? 17 G B "C3'" 1 
ATOM 363 O "O3'" . G B 2 6  ? -6.998  -1.092  4.561   1.00 151.14 ? 17 G B "O3'" 1 
ATOM 364 C "C2'" . G B 2 6  ? -5.060  0.099   3.616   1.00 143.56 ? 17 G B "C2'" 1 
ATOM 365 O "O2'" . G B 2 6  ? -4.921  -0.994  2.719   1.00 143.53 ? 17 G B "O2'" 1 
ATOM 366 C "C1'" . G B 2 6  ? -4.988  1.397   2.814   1.00 145.13 ? 17 G B "C1'" 1 
ATOM 367 N N9    . G B 2 6  ? -4.500  2.522   3.637   1.00 133.51 ? 17 G B N9    1 
ATOM 368 C C8    . G B 2 6  ? -5.251  3.603   4.025   1.00 134.52 ? 17 G B C8    1 
ATOM 369 N N7    . G B 2 6  ? -4.591  4.455   4.758   1.00 134.90 ? 17 G B N7    1 
ATOM 370 C C5    . G B 2 6  ? -3.322  3.906   4.862   1.00 127.10 ? 17 G B C5    1 
ATOM 371 C C6    . G B 2 6  ? -2.172  4.387   5.540   1.00 128.50 ? 17 G B C6    1 
ATOM 372 O O6    . G B 2 6  ? -2.049  5.426   6.197   1.00 134.73 ? 17 G B O6    1 
ATOM 373 N N1    . G B 2 6  ? -1.089  3.529   5.394   1.00 119.73 ? 17 G B N1    1 
ATOM 374 C C2    . G B 2 6  ? -1.109  2.352   4.687   1.00 121.34 ? 17 G B C2    1 
ATOM 375 N N2    . G B 2 6  ? 0.031   1.648   4.654   1.00 118.75 ? 17 G B N2    1 
ATOM 376 N N3    . G B 2 6  ? -2.177  1.890   4.050   1.00 129.17 ? 17 G B N3    1 
ATOM 377 C C4    . G B 2 6  ? -3.244  2.711   4.176   1.00 128.13 ? 17 G B C4    1 
ATOM 378 P P     . C B 2 7  ? -6.907  -1.558  6.099   1.00 151.68 ? 18 C B P     1 
ATOM 379 O OP1   . C B 2 7  ? -7.601  -2.866  6.223   1.00 153.41 ? 18 C B OP1   1 
ATOM 380 O OP2   . C B 2 7  ? -7.330  -0.431  6.969   1.00 155.49 ? 18 C B OP2   1 
ATOM 381 O "O5'" . C B 2 7  ? -5.349  -1.796  6.334   1.00 140.33 ? 18 C B "O5'" 1 
ATOM 382 C "C5'" . C B 2 7  ? -4.672  -2.862  5.690   1.00 129.98 ? 18 C B "C5'" 1 
ATOM 383 C "C4'" . C B 2 7  ? -3.226  -2.916  6.105   1.00 124.69 ? 18 C B "C4'" 1 
ATOM 384 O "O4'" . C B 2 7  ? -2.556  -1.703  5.678   1.00 126.99 ? 18 C B "O4'" 1 
ATOM 385 C "C3'" . C B 2 7  ? -2.964  -2.973  7.602   1.00 125.41 ? 18 C B "C3'" 1 
ATOM 386 O "O3'" . C B 2 7  ? -3.094  -4.276  8.145   1.00 129.61 ? 18 C B "O3'" 1 
ATOM 387 C "C2'" . C B 2 7  ? -1.555  -2.410  7.710   1.00 122.23 ? 18 C B "C2'" 1 
ATOM 388 O "O2'" . C B 2 7  ? -0.589  -3.391  7.365   1.00 126.96 ? 18 C B "O2'" 1 
ATOM 389 C "C1'" . C B 2 7  ? -1.570  -1.341  6.622   1.00 127.11 ? 18 C B "C1'" 1 
ATOM 390 N N1    . C B 2 7  ? -1.896  -0.011  7.179   1.00 124.14 ? 18 C B N1    1 
ATOM 391 C C2    . C B 2 7  ? -0.890  0.657   7.880   1.00 122.76 ? 18 C B C2    1 
ATOM 392 O O2    . C B 2 7  ? 0.218   0.108   7.982   1.00 126.75 ? 18 C B O2    1 
ATOM 393 N N3    . C B 2 7  ? -1.150  1.872   8.410   1.00 119.45 ? 18 C B N3    1 
ATOM 394 C C4    . C B 2 7  ? -2.360  2.410   8.261   1.00 134.01 ? 18 C B C4    1 
ATOM 395 N N4    . C B 2 7  ? -2.583  3.613   8.794   1.00 145.52 ? 18 C B N4    1 
ATOM 396 C C5    . C B 2 7  ? -3.405  1.743   7.554   1.00 131.51 ? 18 C B C5    1 
ATOM 397 C C6    . C B 2 7  ? -3.135  0.542   7.033   1.00 122.57 ? 18 C B C6    1 
ATOM 398 P P     . U B 2 8  ? -3.580  -4.484  9.664   1.00 135.80 ? 19 U B P     1 
ATOM 399 O OP1   . U B 2 8  ? -3.538  -5.949  9.911   1.00 158.20 ? 19 U B OP1   1 
ATOM 400 O OP2   . U B 2 8  ? -4.853  -3.747  9.881   1.00 133.97 ? 19 U B OP2   1 
ATOM 401 O "O5'" . U B 2 8  ? -2.449  -3.785  10.550  1.00 132.40 ? 19 U B "O5'" 1 
ATOM 402 C "C5'" . U B 2 8  ? -1.109  -4.262  10.531  1.00 127.71 ? 19 U B "C5'" 1 
ATOM 403 C "C4'" . U B 2 8  ? -0.152  -3.306  11.205  1.00 131.17 ? 19 U B "C4'" 1 
ATOM 404 O "O4'" . U B 2 8  ? -0.309  -1.962  10.684  1.00 137.95 ? 19 U B "O4'" 1 
ATOM 405 C "C3'" . U B 2 8  ? -0.325  -3.133  12.702  1.00 133.72 ? 19 U B "C3'" 1 
ATOM 406 O "O3'" . U B 2 8  ? 0.234   -4.198  13.445  1.00 140.10 ? 19 U B "O3'" 1 
ATOM 407 C "C2'" . U B 2 8  ? 0.355   -1.796  12.973  1.00 134.86 ? 19 U B "C2'" 1 
ATOM 408 O "O2'" . U B 2 8  ? 1.759   -1.965  13.116  1.00 139.19 ? 19 U B "O2'" 1 
ATOM 409 C "C1'" . U B 2 8  ? 0.069   -1.024  11.677  1.00 135.06 ? 19 U B "C1'" 1 
ATOM 410 N N1    . U B 2 8  ? -0.979  0.022   11.834  1.00 123.19 ? 19 U B N1    1 
ATOM 411 C C2    . U B 2 8  ? -0.626  1.169   12.540  1.00 130.68 ? 19 U B C2    1 
ATOM 412 O O2    . U B 2 8  ? 0.489   1.303   13.021  1.00 132.92 ? 19 U B O2    1 
ATOM 413 N N3    . U B 2 8  ? -1.604  2.142   12.686  1.00 137.94 ? 19 U B N3    1 
ATOM 414 C C4    . U B 2 8  ? -2.878  2.055   12.155  1.00 143.89 ? 19 U B C4    1 
ATOM 415 O O4    . U B 2 8  ? -3.663  2.989   12.339  1.00 150.61 ? 19 U B O4    1 
ATOM 416 C C5    . U B 2 8  ? -3.163  0.843   11.432  1.00 136.42 ? 19 U B C5    1 
ATOM 417 C C6    . U B 2 8  ? -2.235  -0.110  11.293  1.00 124.14 ? 19 U B C6    1 
# 
loop_
_atom_site_anisotrop.id 
_atom_site_anisotrop.type_symbol 
_atom_site_anisotrop.pdbx_label_atom_id 
_atom_site_anisotrop.pdbx_label_alt_id 
_atom_site_anisotrop.pdbx_label_comp_id 
_atom_site_anisotrop.pdbx_label_asym_id 
_atom_site_anisotrop.pdbx_label_seq_id 
_atom_site_anisotrop.pdbx_PDB_ins_code 
_atom_site_anisotrop.U[1][1] 
_atom_site_anisotrop.U[2][2] 
_atom_site_anisotrop.U[3][3] 
_atom_site_anisotrop.U[1][2] 
_atom_site_anisotrop.U[1][3] 
_atom_site_anisotrop.U[2][3] 
_atom_site_anisotrop.pdbx_auth_seq_id 
_atom_site_anisotrop.pdbx_auth_comp_id 
_atom_site_anisotrop.pdbx_auth_asym_id 
_atom_site_anisotrop.pdbx_auth_atom_id 
1   P P     . G A 1  ? 2.8161 1.9163 1.9514 -0.3383 0.5063  0.0383  1  G A P     
2   O OP1   . G A 1  ? 2.7914 1.9553 1.9939 -0.2946 0.5542  0.0210  1  G A OP1   
3   O OP2   . G A 1  ? 2.8330 1.7808 1.8237 -0.3656 0.5208  0.0306  1  G A OP2   
4   O "O5'" . G A 1  ? 2.6075 1.7437 1.7325 -0.3992 0.4613  0.0553  1  G A "O5'" 
5   C "C5'" . G A 1  ? 2.5453 1.6248 1.5774 -0.4596 0.4257  0.0726  1  G A "C5'" 
6   C "C4'" . G A 1  ? 2.3892 1.5488 1.4489 -0.4841 0.3726  0.0945  1  G A "C4'" 
7   O "O4'" . G A 1  ? 2.4978 1.6752 1.5751 -0.4906 0.3883  0.0798  1  G A "O4'" 
8   C "C3'" . G A 1  ? 2.2634 1.5390 1.4258 -0.4356 0.3253  0.1165  1  G A "C3'" 
9   O "O3'" . G A 1  ? 2.3443 1.6438 1.4896 -0.4437 0.2873  0.1453  1  G A "O3'" 
10  C "C2'" . G A 1  ? 2.2367 1.5588 1.4071 -0.4447 0.2911  0.1225  1  G A "C2'" 
11  O "O2'" . G A 1  ? 2.2740 1.5878 1.3636 -0.4908 0.2549  0.1428  1  G A "O2'" 
12  C "C1'" . G A 1  ? 2.3583 1.6252 1.5039 -0.4693 0.3401  0.0953  1  G A "C1'" 
13  N N9    . G A 1  ? 2.2249 1.5472 1.4655 -0.4238 0.3603  0.0847  1  G A N9    
14  C C8    . G A 1  ? 2.1960 1.5131 1.4692 -0.3955 0.4176  0.0667  1  G A C8    
15  N N7    . G A 1  ? 2.0579 1.4515 1.4208 -0.3620 0.4218  0.0669  1  G A N7    
16  C C5    . G A 1  ? 2.0021 1.4315 1.3809 -0.3706 0.3601  0.0841  1  G A C5    
17  C C6    . G A 1  ? 1.9449 1.4373 1.3908 -0.3511 0.3294  0.0938  1  G A C6    
18  O O6    . G A 1  ? 1.9218 1.4701 1.4397 -0.3302 0.3552  0.0919  1  G A O6    
19  N N1    . G A 1  ? 1.9305 1.4129 1.3392 -0.3586 0.2618  0.1087  1  G A N1    
20  C C2    . G A 1  ? 1.9554 1.3981 1.2850 -0.3778 0.2323  0.1156  1  G A C2    
21  N N2    . G A 1  ? 1.9481 1.3902 1.2399 -0.3672 0.1673  0.1302  1  G A N2    
22  N N3    . G A 1  ? 1.9971 1.4007 1.2763 -0.4044 0.2612  0.1108  1  G A N3    
23  C C4    . G A 1  ? 2.0231 1.4114 1.3260 -0.4012 0.3229  0.0941  1  G A C4    
24  P P     . G A 2  ? 2.1952 1.6076 1.4445 -0.3807 0.2501  0.1669  2  G A P     
25  O OP1   . G A 2  ? 2.3060 1.7384 1.5113 -0.4105 0.2161  0.2016  2  G A OP1   
26  O OP2   . G A 2  ? 2.0699 1.4829 1.4009 -0.3247 0.2884  0.1432  2  G A OP2   
27  O "O5'" . G A 2  ? 2.0642 1.5637 1.3511 -0.3541 0.2038  0.1790  2  G A "O5'" 
28  C "C5'" . G A 2  ? 1.9325 1.4664 1.1567 -0.3817 0.1590  0.2049  2  G A "C5'" 
29  C "C4'" . G A 2  ? 1.9479 1.5453 1.2000 -0.3315 0.1144  0.2115  2  G A "C4'" 
30  O "O4'" . G A 2  ? 2.1092 1.6434 1.3607 -0.3401 0.1365  0.1819  2  G A "O4'" 
31  C "C3'" . G A 2  ? 2.0018 1.6839 1.3462 -0.2519 0.0871  0.2220  2  G A "C3'" 
32  O "O3'" . G A 2  ? 1.9290 1.7115 1.2777 -0.2257 0.0460  0.2594  2  G A "O3'" 
33  C "C2'" . G A 2  ? 2.0552 1.7257 1.3978 -0.2182 0.0588  0.2114  2  G A "C2'" 
34  O "O2'" . G A 2  ? 2.0974 1.7964 1.3657 -0.2050 0.0062  0.2325  2  G A "O2'" 
35  C "C1'" . G A 2  ? 2.0045 1.5793 1.3132 -0.2797 0.1050  0.1823  2  G A "C1'" 
36  N N9    . G A 2  ? 1.8453 1.4086 1.2331 -0.2667 0.1481  0.1609  2  G A N9    
37  C C8    . G A 2  ? 1.8965 1.4282 1.3040 -0.2865 0.2085  0.1442  2  G A C8    
38  N N7    . G A 2  ? 1.8867 1.4354 1.3686 -0.2589 0.2370  0.1305  2  G A N7    
39  C C5    . G A 2  ? 1.7831 1.3691 1.2950 -0.2295 0.1893  0.1398  2  G A C5    
40  C C6    . G A 2  ? 1.7551 1.3747 1.3399 -0.2014 0.1875  0.1370  2  G A C6    
41  O O6    . G A 2  ? 1.8068 1.4514 1.4570 -0.1927 0.2338  0.1265  2  G A O6    
42  N N1    . G A 2  ? 1.7295 1.3510 1.2941 -0.1802 0.1217  0.1504  2  G A N1    
43  C C2    . G A 2  ? 1.8234 1.4236 1.3069 -0.1734 0.0679  0.1632  2  G A C2    
44  N N2    . G A 2  ? 1.7637 1.3476 1.2139 -0.1405 0.0046  0.1732  2  G A N2    
45  N N3    . G A 2  ? 1.8758 1.4685 1.3027 -0.1958 0.0731  0.1679  2  G A N3    
46  C C4    . G A 2  ? 1.7827 1.3669 1.2293 -0.2289 0.1333  0.1566  2  G A C4    
47  P P     . C A 3  ? 1.8615 1.7199 1.3043 -0.1710 0.0412  0.2724  3  C A P     
48  O OP1   . C A 3  ? 1.9452 1.9125 1.3687 -0.1722 0.0027  0.3186  3  C A OP1   
49  O OP2   . C A 3  ? 2.0259 1.8052 1.5058 -0.1912 0.0980  0.2435  3  C A OP2   
50  O "O5'" . C A 3  ? 1.7010 1.5972 1.2005 -0.0870 0.0094  0.2661  3  C A "O5'" 
51  C "C5'" . C A 3  ? 1.6223 1.5488 1.0672 -0.0485 -0.0433 0.2798  3  C A "C5'" 
52  C "C4'" . C A 3  ? 1.5893 1.4907 1.0638 0.0141  -0.0672 0.2643  3  C A "C4'" 
53  O "O4'" . C A 3  ? 1.6603 1.4581 1.1333 -0.0331 -0.0322 0.2316  3  C A "O4'" 
54  C "C3'" . C A 3  ? 1.6134 1.5687 1.1901 0.0739  -0.0676 0.2662  3  C A "C3'" 
55  O "O3'" . C A 3  ? 1.6554 1.7219 1.2429 0.1436  -0.1124 0.2987  3  C A "O3'" 
56  C "C2'" . C A 3  ? 1.6221 1.5058 1.2076 0.0936  -0.0777 0.2436  3  C A "C2'" 
57  O "O2'" . C A 3  ? 1.7853 1.6570 1.2930 0.1484  -0.1429 0.2545  3  C A "O2'" 
58  C "C1'" . C A 3  ? 1.5966 1.3897 1.1377 0.0093  -0.0375 0.2208  3  C A "C1'" 
59  N N1    . C A 3  ? 1.6799 1.4556 1.2968 -0.0254 0.0270  0.2002  3  C A N1    
60  C C2    . C A 3  ? 1.7489 1.5254 1.4365 -0.0006 0.0328  0.1899  3  C A C2    
61  O O2    . C A 3  ? 1.5486 1.3237 1.2262 0.0429  -0.0202 0.1980  3  C A O2    
62  N N3    . C A 3  ? 1.7447 1.5216 1.4987 -0.0214 0.0934  0.1733  3  C A N3    
63  C C4    . C A 3  ? 1.5870 1.3412 1.3237 -0.0605 0.1444  0.1637  3  C A C4    
64  N N4    . C A 3  ? 1.5769 1.3268 1.3638 -0.0651 0.2029  0.1466  3  C A N4    
65  C C5    . C A 3  ? 1.6103 1.3431 1.2668 -0.0942 0.1354  0.1731  3  C A C5    
66  C C6    . C A 3  ? 1.6066 1.3620 1.2124 -0.0780 0.0776  0.1929  3  C A C6    
67  P P     . G A 4  ? 1.5383 1.6919 1.2287 0.1733  -0.0994 0.3128  4  G A P     
68  O OP1   . G A 4  ? 1.7258 2.0097 1.4090 0.2477  -0.1527 0.3521  4  G A OP1   
69  O OP2   . G A 4  ? 1.6013 1.7230 1.3038 0.0932  -0.0470 0.3069  4  G A OP2   
70  O "O5'" . G A 4  ? 1.4121 1.5176 1.1801 0.2108  -0.0876 0.2854  4  G A "O5'" 
71  C "C5'" . G A 4  ? 1.3738 1.4640 1.1240 0.2785  -0.1359 0.2838  4  G A "C5'" 
72  C "C4'" . G A 4  ? 1.3270 1.3774 1.1564 0.2912  -0.1184 0.2622  4  G A "C4'" 
73  O "O4'" . G A 4  ? 1.4117 1.3751 1.2340 0.2179  -0.0758 0.2361  4  G A "O4'" 
74  C "C3'" . G A 4  ? 1.3954 1.5077 1.3371 0.3048  -0.0827 0.2629  4  G A "C3'" 
75  O "O3'" . G A 4  ? 1.3903 1.5939 1.3682 0.3831  -0.1214 0.2865  4  G A "O3'" 
76  C "C2'" . G A 4  ? 1.3089 1.3648 1.3080 0.2877  -0.0508 0.2371  4  G A "C2'" 
77  O "O2'" . G A 4  ? 1.3469 1.3952 1.3539 0.3437  -0.0981 0.2401  4  G A "O2'" 
78  C "C1'" . G A 4  ? 1.3305 1.3026 1.2530 0.2157  -0.0334 0.2219  4  G A "C1'" 
79  N N9    . G A 4  ? 1.3975 1.3500 1.3342 0.1544  0.0337  0.2072  4  G A N9    
80  C C8    . G A 4  ? 1.4755 1.4128 1.3527 0.1084  0.0516  0.2107  4  G A C8    
81  N N7    . G A 4  ? 1.4854 1.3837 1.3720 0.0656  0.1111  0.1932  4  G A N7    
82  C C5    . G A 4  ? 1.3963 1.3027 1.3616 0.0898  0.1370  0.1785  4  G A C5    
83  C C6    . G A 4  ? 1.4450 1.3315 1.4468 0.0773  0.2009  0.1581  4  G A C6    
84  O O6    . G A 4  ? 1.6286 1.4646 1.5877 0.0442  0.2469  0.1455  4  G A O6    
85  N N1    . G A 4  ? 1.4138 1.3436 1.4997 0.1122  0.2063  0.1546  4  G A N1    
86  C C2    . G A 4  ? 1.3593 1.3257 1.4806 0.1479  0.1532  0.1679  4  G A C2    
87  N N2    . G A 4  ? 1.4017 1.4076 1.6011 0.1692  0.1652  0.1659  4  G A N2    
88  N N3    . G A 4  ? 1.3332 1.2969 1.4063 0.1652  0.0915  0.1837  4  G A N3    
89  C C4    . G A 4  ? 1.3484 1.2905 1.3492 0.1378  0.0891  0.1884  4  G A C4    
90  P P     . A A 5  ? 2.0633 1.4076 1.3762 -0.3094 0.3166  0.2280  5  A A P     
91  O OP1   . A A 5  ? 2.2335 1.6510 1.6441 -0.3535 0.2885  0.2290  5  A A OP1   
92  O OP2   . A A 5  ? 2.1022 1.2998 1.2731 -0.3353 0.3425  0.2488  5  A A OP2   
93  O "O5'" . A A 5  ? 2.0584 1.4677 1.3774 -0.2471 0.3681  0.2225  5  A A "O5'" 
94  C "C5'" . A A 5  ? 1.9593 1.3406 1.2143 -0.1941 0.3931  0.2221  5  A A "C5'" 
95  C "C4'" . A A 5  ? 2.0206 1.4659 1.2754 -0.1439 0.4411  0.2203  5  A A "C4'" 
96  O "O4'" . A A 5  ? 2.1183 1.5697 1.3410 -0.0876 0.4483  0.2151  5  A A "O4'" 
97  C "C3'" . A A 5  ? 2.0157 1.4029 1.1866 -0.1570 0.5036  0.2482  5  A A "C3'" 
98  O "O3'" . A A 5  ? 1.9183 1.3975 1.1335 -0.1225 0.5360  0.2438  5  A A "O3'" 
99  C "C2'" . A A 5  ? 2.0816 1.3926 1.1444 -0.1213 0.5371  0.2654  5  A A "C2'" 
100 O "O2'" . A A 5  ? 2.2744 1.5513 1.2574 -0.1018 0.6053  0.2904  5  A A "O2'" 
101 C "C1'" . A A 5  ? 1.9679 1.3686 1.0909 -0.0650 0.5086  0.2412  5  A A "C1'" 
102 N N9    . A A 5  ? 1.8922 1.2445 0.9580 -0.0366 0.5087  0.2532  5  A A N9    
103 C C8    . A A 5  ? 1.9435 1.3344 0.9874 0.0214  0.5291  0.2583  5  A A C8    
104 N N7    . A A 5  ? 2.1033 1.4441 1.1076 0.0347  0.5241  0.2758  5  A A N7    
105 C C5    . A A 5  ? 1.9069 1.1633 0.8976 -0.0153 0.5005  0.2800  5  A A C5    
106 C C6    . A A 5  ? 2.0444 1.2144 0.9909 -0.0249 0.4886  0.2987  5  A A C6    
107 N N6    . A A 5  ? 2.2333 1.4202 1.1883 0.0167  0.4845  0.3086  5  A A N6    
108 N N1    . A A 5  ? 2.0856 1.1814 1.0184 -0.0776 0.4630  0.2970  5  A A N1    
109 C C2    . A A 5  ? 2.1763 1.2936 1.1481 -0.1209 0.4476  0.2795  5  A A C2    
110 N N3    . A A 5  ? 2.0627 1.2645 1.0883 -0.1174 0.4589  0.2649  5  A A N3    
111 C C4    . A A 5  ? 1.9141 1.1785 0.9418 -0.0612 0.4874  0.2650  5  A A C4    
112 P P     . A A 6  ? 2.0371 1.5360 1.2842 -0.1617 0.5648  0.2602  6  A A P     
113 O OP1   . A A 6  ? 2.2391 1.6137 1.4018 -0.2238 0.5801  0.2857  6  A A OP1   
114 O OP2   . A A 6  ? 2.1022 1.6721 1.3543 -0.1057 0.6161  0.2626  6  A A OP2   
115 O "O5'" . A A 6  ? 1.9538 1.5382 1.3319 -0.1905 0.5080  0.2429  6  A A "O5'" 
116 C "C5'" . A A 6  ? 1.9599 1.6516 1.4266 -0.1414 0.4842  0.2152  6  A A "C5'" 
117 C "C4'" . A A 6  ? 1.9112 1.6657 1.4931 -0.1745 0.4348  0.2082  6  A A "C4'" 
118 O "O4'" . A A 6  ? 1.9166 1.7052 1.5457 -0.2126 0.4574  0.2335  6  A A "O4'" 
119 C "C3'" . A A 6  ? 1.8411 1.5346 1.4206 -0.2259 0.3787  0.2083  6  A A "C3'" 
120 O "O3'" . A A 6  ? 1.8082 1.5815 1.4987 -0.2207 0.3300  0.1917  6  A A "O3'" 
121 C "C2'" . A A 6  ? 1.9760 1.6226 1.5386 -0.2986 0.3854  0.2374  6  A A "C2'" 
122 O "O2'" . A A 6  ? 1.9976 1.6236 1.5922 -0.3561 0.3276  0.2409  6  A A "O2'" 
123 C "C1'" . A A 6  ? 1.9837 1.7340 1.6331 -0.2875 0.4165  0.2479  6  A A "C1'" 
124 N N9    . A A 6  ? 2.1943 1.9112 1.8195 -0.3383 0.4525  0.2791  6  A A N9    
125 C C8    . A A 6  ? 2.3012 2.0130 1.8835 -0.3147 0.5204  0.2947  6  A A C8    
126 N N7    . A A 6  ? 2.3353 2.0118 1.9097 -0.3746 0.5420  0.3237  6  A A N7    
127 C C5    . A A 6  ? 2.3742 2.0356 1.9886 -0.4445 0.4791  0.3258  6  A A C5    
128 C C6    . A A 6  ? 2.4430 2.0677 2.0694 -0.5335 0.4604  0.3494  6  A A C6    
129 N N6    . A A 6  ? 2.4853 2.0767 2.0874 -0.5690 0.5086  0.3763  6  A A N6    
130 N N1    . A A 6  ? 2.4688 2.0911 2.1320 -0.5866 0.3885  0.3452  6  A A N1    
131 C C2    . A A 6  ? 2.3992 2.0520 2.0879 -0.5486 0.3448  0.3207  6  A A C2    
132 N N3    . A A 6  ? 2.3195 2.0038 2.0044 -0.4681 0.3586  0.2969  6  A A N3    
133 C C4    . A A 6  ? 2.3105 1.9992 1.9570 -0.4200 0.4250  0.2997  6  A A C4    
134 P P     . G A 7  ? 1.8923 1.7149 1.6200 -0.1557 0.3101  0.1569  7  G A P     
135 O OP1   . G A 7  ? 1.9068 1.7595 1.7199 -0.1728 0.2533  0.1485  7  G A OP1   
136 O OP2   . G A 7  ? 1.8381 1.7340 1.5853 -0.0986 0.3500  0.1445  7  G A OP2   
137 O "O5'" . G A 7  ? 1.9062 1.6377 1.5297 -0.1415 0.3122  0.1527  7  G A "O5'" 
138 C "C5'" . G A 7  ? 1.8437 1.4941 1.4307 -0.1777 0.2775  0.1606  7  G A "C5'" 
139 C "C4'" . G A 7  ? 1.8121 1.4266 1.3554 -0.1394 0.2710  0.1489  7  G A "C4'" 
140 O "O4'" . G A 7  ? 1.8798 1.4713 1.3405 -0.1072 0.3221  0.1576  7  G A "O4'" 
141 C "C3'" . G A 7  ? 1.8109 1.5020 1.4380 -0.0958 0.2414  0.1164  7  G A "C3'" 
142 O "O3'" . G A 7  ? 1.9715 1.6161 1.5817 -0.0881 0.2138  0.1132  7  G A "O3'" 
143 C "C2'" . G A 7  ? 1.7700 1.5055 1.3728 -0.0451 0.2804  0.1044  7  G A "C2'" 
144 O "O2'" . G A 7  ? 1.8794 1.6543 1.5126 -0.0009 0.2598  0.0744  7  G A "O2'" 
145 C "C1'" . G A 7  ? 1.8232 1.4783 1.3128 -0.0509 0.3198  0.1329  7  G A "C1'" 
146 N N9    . G A 7  ? 1.8135 1.4973 1.2587 -0.0151 0.3707  0.1369  7  G A N9    
147 C C8    . G A 7  ? 1.7561 1.4978 1.2279 -0.0064 0.4001  0.1354  7  G A C8    
148 N N7    . G A 7  ? 1.8114 1.5671 1.2268 0.0340  0.4447  0.1407  7  G A N7    
149 C C5    . G A 7  ? 1.8256 1.5365 1.1785 0.0524  0.4423  0.1467  7  G A C5    
150 C C6    . G A 7  ? 1.9643 1.6747 1.2437 0.0969  0.4776  0.1583  7  G A C6    
151 O O6    . G A 7  ? 2.2475 1.9935 1.4939 0.1315  0.5198  0.1635  7  G A O6    
152 N N1    . G A 7  ? 1.8933 1.5594 1.1384 0.1022  0.4613  0.1689  7  G A N1    
153 C C2    . G A 7  ? 1.9616 1.5835 1.2347 0.0706  0.4191  0.1674  7  G A C2    
154 N N2    . G A 7  ? 1.9580 1.5434 1.1953 0.0846  0.4141  0.1842  7  G A N2    
155 N N3    . G A 7  ? 1.9041 1.5220 1.2383 0.0304  0.3857  0.1545  7  G A N3    
156 C C4    . G A 7  ? 1.8227 1.4888 1.1956 0.0227  0.3983  0.1450  7  G A C4    
157 P P     . A A 8  ? 1.7581 1.4381 1.4623 -0.0806 0.1613  0.0907  8  A A P     
158 O OP1   . A A 8  ? 1.7373 1.4551 1.5130 -0.1120 0.1396  0.0940  8  A A OP1   
159 O OP2   . A A 8  ? 1.6658 1.4012 1.4029 -0.0300 0.1601  0.0595  8  A A OP2   
160 O "O5'" . A A 8  ? 1.6650 1.2570 1.3212 -0.0964 0.1417  0.1089  8  A A "O5'" 
161 C "C5'" . A A 8  ? 1.7710 1.2914 1.3846 -0.1438 0.1314  0.1345  8  A A "C5'" 
162 C "C4'" . A A 8  ? 1.8389 1.2703 1.3878 -0.1428 0.1263  0.1531  8  A A "C4'" 
163 O "O4'" . A A 8  ? 1.9506 1.3271 1.3989 -0.1284 0.1731  0.1719  8  A A "O4'" 
164 C "C3'" . A A 8  ? 1.7648 1.2227 1.3738 -0.1079 0.1015  0.1389  8  A A "C3'" 
165 O "O3'" . A A 8  ? 1.6077 1.0777 1.2890 -0.1207 0.0576  0.1326  8  A A "O3'" 
166 C "C2'" . A A 8  ? 1.8257 1.2031 1.3476 -0.0954 0.1245  0.1664  8  A A "C2'" 
167 O "O2'" . A A 8  ? 1.9810 1.2676 1.4497 -0.1235 0.1131  0.1916  8  A A "O2'" 
168 C "C1'" . A A 8  ? 1.9365 1.2935 1.3735 -0.0952 0.1738  0.1790  8  A A "C1'" 
169 N N9    . A A 8  ? 1.9755 1.4052 1.4356 -0.0536 0.1926  0.1631  8  A A N9    
170 C C8    . A A 8  ? 1.9548 1.4568 1.4437 -0.0440 0.2055  0.1416  8  A A C8    
171 N N7    . A A 8  ? 1.9266 1.4807 1.4209 -0.0035 0.2182  0.1295  8  A A N7    
172 C C5    . A A 8  ? 1.9375 1.4582 1.4152 0.0113  0.2112  0.1461  8  A A C5    
173 C C6    . A A 8  ? 1.9236 1.4796 1.4043 0.0484  0.2138  0.1467  8  A A C6    
174 N N6    . A A 8  ? 1.9260 1.5549 1.4162 0.0780  0.2221  0.1248  8  A A N6    
175 N N1    . A A 8  ? 1.9404 1.4566 1.4138 0.0540  0.2069  0.1726  8  A A N1    
176 C C2    . A A 8  ? 1.9521 1.3898 1.4060 0.0278  0.2005  0.1943  8  A A C2    
177 N N3    . A A 8  ? 1.9148 1.3075 1.3536 -0.0083 0.1942  0.1928  8  A A N3    
178 C C4    . A A 8  ? 1.9450 1.3873 1.4018 -0.0169 0.1987  0.1683  8  A A C4    
179 P P     . A A 9  ? 1.8359 1.4784 1.3998 -0.2404 0.1443  0.0641  9  A A P     
180 O OP1   . A A 9  ? 1.9871 1.6448 1.4880 -0.2164 0.1712  0.0077  9  A A OP1   
181 O OP2   . A A 9  ? 1.7680 1.4997 1.3123 -0.2854 0.0635  0.0378  9  A A OP2   
182 O "O5'" . A A 9  ? 1.7593 1.3514 1.5181 -0.1951 0.1516  0.1317  9  A A "O5'" 
183 C "C5'" . A A 9  ? 1.7826 1.2699 1.5902 -0.1519 0.2316  0.1825  9  A A "C5'" 
184 C "C4'" . A A 9  ? 1.8599 1.3044 1.8540 -0.1244 0.2304  0.2517  9  A A "C4'" 
185 O "O4'" . A A 9  ? 1.9800 1.4162 1.9827 -0.1554 0.2037  0.2927  9  A A "O4'" 
186 C "C3'" . A A 9  ? 1.7681 1.2813 1.9110 -0.1089 0.1689  0.2366  9  A A "C3'" 
187 O "O3'" . A A 9  ? 1.7841 1.2784 1.9856 -0.0640 0.2050  0.2239  9  A A "O3'" 
188 C "C2'" . A A 9  ? 1.7919 1.2745 2.0866 -0.1027 0.1529  0.3029  9  A A "C2'" 
189 O "O2'" . A A 9  ? 1.8661 1.2496 2.2662 -0.0581 0.2265  0.3595  9  A A "O2'" 
190 C "C1'" . A A 9  ? 1.9084 1.3693 2.0831 -0.1424 0.1534  0.3239  9  A A "C1'" 
191 N N9    . A A 9  ? 1.8868 1.4395 2.0268 -0.1837 0.0655  0.2959  9  A A N9    
192 C C8    . A A 9  ? 1.8720 1.4779 1.8449 -0.2291 0.0382  0.2480  9  A A C8    
193 N N7    . A A 9  ? 1.7923 1.4729 1.7706 -0.2563 -0.0411 0.2345  9  A A N7    
194 C C5    . A A 9  ? 1.8310 1.5119 1.9953 -0.2260 -0.0719 0.2735  9  A A C5    
195 C C6    . A A 9  ? 1.8391 1.5845 2.0990 -0.2306 -0.1553 0.2783  9  A A C6    
196 N N6    . A A 9  ? 1.8749 1.6957 2.0438 -0.2678 -0.2236 0.2462  9  A A N6    
197 N N1    . A A 9  ? 1.8629 1.5929 2.3182 -0.1939 -0.1654 0.3158  9  A A N1    
198 C C2    . A A 9  ? 1.8804 1.5307 2.4252 -0.1566 -0.0919 0.3489  9  A A C2    
199 N N3    . A A 9  ? 1.8551 1.4356 2.3172 -0.1468 -0.0087 0.3515  9  A A N3    
200 C C4    . A A 9  ? 1.8453 1.4478 2.1152 -0.1828 -0.0052 0.3112  9  A A C4    
201 P P     . C A 10 ? 1.8396 1.4312 2.0371 -0.0626 0.1531  0.1501  10 C A P     
202 O OP1   . C A 10 ? 1.8453 1.3855 2.1057 -0.0078 0.2105  0.1557  10 C A OP1   
203 O OP2   . C A 10 ? 1.6434 1.3030 1.6594 -0.1057 0.1206  0.0859  10 C A OP2   
204 O "O5'" . C A 10 ? 1.8733 1.5370 2.2287 -0.0736 0.0717  0.1529  10 C A "O5'" 
205 C "C5'" . C A 10 ? 1.8777 1.4989 2.4307 -0.0409 0.0838  0.2063  10 C A "C5'" 
206 C "C4'" . C A 10 ? 1.7947 1.4934 2.4611 -0.0622 -0.0039 0.2037  10 C A "C4'" 
207 O "O4'" . C A 10 ? 1.7375 1.4351 2.3206 -0.0987 -0.0287 0.2278  10 C A "O4'" 
208 C "C3'" . C A 10 ? 1.7467 1.5656 2.3930 -0.0848 -0.0851 0.1298  10 C A "C3'" 
209 O "O3'" . C A 10 ? 1.7317 1.5753 2.5103 -0.0531 -0.0890 0.1055  10 C A "O3'" 
210 C "C2'" . C A 10 ? 1.6712 1.5493 2.3523 -0.1164 -0.1650 0.1374  10 C A "C2'" 
211 O "O2'" . C A 10 ? 1.5665 1.4443 2.4602 -0.0911 -0.1878 0.1692  10 C A "O2'" 
212 C "C1'" . C A 10 ? 1.7047 1.5072 2.2770 -0.1325 -0.1229 0.1881  10 C A "C1'" 
213 N N1    . C A 10 ? 1.6723 1.5092 2.0333 -0.1754 -0.1341 0.1467  10 C A N1    
214 C C2    . C A 10 ? 1.6495 1.5780 1.9538 -0.2145 -0.2166 0.1107  10 C A C2    
215 O O2    . C A 10 ? 1.6837 1.6646 2.1125 -0.2108 -0.2825 0.1141  10 C A O2    
216 N N3    . C A 10 ? 1.6371 1.5953 1.7536 -0.2549 -0.2215 0.0711  10 C A N3    
217 C C4    . C A 10 ? 1.6626 1.5682 1.6540 -0.2574 -0.1522 0.0625  10 C A C4    
218 N N4    . C A 10 ? 1.6797 1.6197 1.4969 -0.2994 -0.1584 0.0187  10 C A N4    
219 C C5    . C A 10 ? 1.6909 1.5059 1.7319 -0.2159 -0.0719 0.0968  10 C A C5    
220 C C6    . C A 10 ? 1.6893 1.4710 1.9113 -0.1762 -0.0643 0.1396  10 C A C6    
221 P P     . U A 11 ? 1.7775 1.7016 2.4774 -0.0591 -0.1182 0.0248  11 U A P     
222 O OP1   . U A 11 ? 1.8534 1.7702 2.7127 -0.0169 -0.1003 0.0194  11 U A OP1   
223 O OP2   . U A 11 ? 1.7177 1.6179 2.2099 -0.0709 -0.0766 0.0025  11 U A OP2   
224 O "O5'" . U A 11 ? 1.8213 1.8662 2.5089 -0.1036 -0.2241 -0.0226 11 U A "O5'" 
225 C "C5'" . U A 11 ? 1.8097 1.8942 2.6619 -0.1043 -0.2837 -0.0063 11 U A "C5'" 
226 C "C4'" . U A 11 ? 1.8552 2.0322 2.6326 -0.1496 -0.3722 -0.0384 11 U A "C4'" 
227 O "O4'" . U A 11 ? 1.9527 2.0920 2.5591 -0.1790 -0.3521 -0.0144 11 U A "O4'" 
228 C "C3'" . U A 11 ? 1.8310 2.1127 2.5262 -0.1742 -0.4284 -0.1208 11 U A "C3'" 
229 O "O3'" . U A 11 ? 1.8454 2.1956 2.7008 -0.1592 -0.4788 -0.1559 11 U A "O3'" 
230 C "C2'" . U A 11 ? 1.8811 2.2126 2.4403 -0.2214 -0.4841 -0.1321 11 U A "C2'" 
231 O "O2'" . U A 11 ? 1.9262 2.3130 2.5995 -0.2258 -0.5603 -0.1251 11 U A "O2'" 
232 C "C1'" . U A 11 ? 1.8673 2.0951 2.3443 -0.2229 -0.4177 -0.0665 11 U A "C1'" 
233 N N1    . U A 11 ? 1.6927 1.9002 1.9658 -0.2471 -0.3736 -0.0903 11 U A N1    
234 C C2    . U A 11 ? 1.7749 2.0523 1.9006 -0.2937 -0.4213 -0.1353 11 U A C2    
235 O O2    . U A 11 ? 1.8246 2.1769 1.9752 -0.3130 -0.4976 -0.1539 11 U A O2    
236 N N3    . U A 11 ? 1.7838 2.0426 1.7327 -0.3162 -0.3768 -0.1614 11 U A N3    
237 C C4    . U A 11 ? 1.7505 1.9291 1.6555 -0.2940 -0.2935 -0.1461 11 U A C4    
238 O O4    . U A 11 ? 1.7784 1.9525 1.5259 -0.3170 -0.2626 -0.1774 11 U A O4    
239 C C5    . U A 11 ? 1.6723 1.7791 1.7266 -0.2438 -0.2491 -0.0960 11 U A C5    
240 C C6    . U A 11 ? 1.6389 1.7604 1.8698 -0.2236 -0.2871 -0.0696 11 U A C6    
241 P P     . G B 1  ? 3.1734 1.9754 1.0513 0.3574  0.2701  -0.0983 12 G B P     
242 O OP1   . G B 1  ? 2.7848 1.7395 0.8801 0.3354  0.3295  -0.0948 12 G B OP1   
243 O OP2   . G B 1  ? 3.3206 2.1248 1.1403 0.3802  0.3208  -0.0672 12 G B OP2   
244 O "O5'" . G B 1  ? 3.0771 1.7584 0.8507 0.3754  0.1995  -0.1487 12 G B "O5'" 
245 C "C5'" . G B 1  ? 3.3466 1.8869 0.9420 0.4018  0.1400  -0.1574 12 G B "C5'" 
246 C "C4'" . G B 1  ? 3.5580 1.9624 1.0727 0.3964  0.0139  -0.2042 12 G B "C4'" 
247 O "O4'" . G B 1  ? 3.5522 1.9874 1.1492 0.3942  0.0242  -0.2394 12 G B "O4'" 
248 C "C3'" . G B 1  ? 3.4488 1.8981 1.1452 0.3414  -0.0769 -0.1953 12 G B "C3'" 
249 O "O3'" . G B 1  ? 3.5417 1.9124 1.1446 0.3405  -0.1423 -0.1757 12 G B "O3'" 
250 C "C2'" . G B 1  ? 3.4905 1.8845 1.2434 0.3270  -0.1657 -0.2401 12 G B "C2'" 
251 O "O2'" . G B 1  ? 3.6621 1.8712 1.2058 0.3565  -0.2629 -0.2696 12 G B "O2'" 
252 C "C1'" . G B 1  ? 3.4284 1.8694 1.1795 0.3502  -0.0722 -0.2582 12 G B "C1'" 
253 N N9    . G B 1  ? 3.1299 1.7376 1.1263 0.3137  -0.0119 -0.2428 12 G B N9    
254 C C8    . G B 1  ? 3.0510 1.7828 1.1156 0.3184  0.1002  -0.2140 12 G B C8    
255 N N7    . G B 1  ? 2.8428 1.6935 1.1191 0.2856  0.1256  -0.2074 12 G B N7    
256 C C5    . G B 1  ? 2.7862 1.5934 1.1447 0.2561  0.0332  -0.2302 12 G B C5    
257 C C6    . G B 1  ? 2.6073 1.4912 1.1805 0.2171  0.0231  -0.2315 12 G B C6    
258 O O6    . G B 1  ? 2.5558 1.5542 1.2706 0.2050  0.0925  -0.2147 12 G B O6    
259 N N1    . G B 1  ? 2.7094 1.5141 1.3189 0.1952  -0.0784 -0.2554 12 G B N1    
260 C C2    . G B 1  ? 2.9511 1.6152 1.4057 0.2101  -0.1704 -0.2783 12 G B C2    
261 N N2    . G B 1  ? 3.0328 1.6373 1.5703 0.1833  -0.2694 -0.3004 12 G B N2    
262 N N3    . G B 1  ? 3.0981 1.6783 1.3305 0.2505  -0.1658 -0.2791 12 G B N3    
263 C C4    . G B 1  ? 3.0115 1.6727 1.2104 0.2710  -0.0566 -0.2530 12 G B C4    
264 P P     . G B 2  ? 3.4323 1.9034 1.2404 0.2878  -0.1820 -0.1427 13 G B P     
265 O OP1   . G B 2  ? 3.5966 1.9541 1.2464 0.3006  -0.2459 -0.1260 13 G B OP1   
266 O OP2   . G B 2  ? 3.0345 1.6839 1.0208 0.2682  -0.0710 -0.1115 13 G B OP2   
267 O "O5'" . G B 2  ? 3.3262 1.7999 1.3124 0.2474  -0.2885 -0.1734 13 G B "O5'" 
268 C "C5'" . G B 2  ? 3.4768 1.7944 1.3605 0.2556  -0.4159 -0.2089 13 G B "C5'" 
269 C "C4'" . G B 2  ? 3.3943 1.7485 1.4976 0.2133  -0.4882 -0.2330 13 G B "C4'" 
270 O "O4'" . G B 2  ? 3.3033 1.7460 1.5016 0.2108  -0.4019 -0.2440 13 G B "O4'" 
271 C "C3'" . G B 2  ? 3.1975 1.6670 1.5557 0.1607  -0.5162 -0.2071 13 G B "C3'" 
272 O "O3'" . G B 2  ? 3.2515 1.6331 1.5900 0.1505  -0.6385 -0.2075 13 G B "O3'" 
273 C "C2'" . G B 2  ? 3.1363 1.6728 1.7076 0.1288  -0.5179 -0.2265 13 G B "C2'" 
274 O "O2'" . G B 2  ? 3.3509 1.7740 1.9342 0.1196  -0.6452 -0.2616 13 G B "O2'" 
275 C "C1'" . G B 2  ? 3.1292 1.6742 1.5954 0.1618  -0.4184 -0.2411 13 G B "C1'" 
276 N N9    . G B 2  ? 2.9237 1.6263 1.5222 0.1514  -0.2952 -0.2144 13 G B N9    
277 C C8    . G B 2  ? 2.9173 1.6778 1.4315 0.1789  -0.1847 -0.1944 13 G B C8    
278 N N7    . G B 2  ? 2.6982 1.5932 1.3775 0.1618  -0.1043 -0.1766 13 G B N7    
279 C C5    . G B 2  ? 2.5945 1.5197 1.4681 0.1222  -0.1563 -0.1832 13 G B C5    
280 C C6    . G B 2  ? 2.4103 1.4502 1.4981 0.0940  -0.1085 -0.1701 13 G B C6    
281 O O6    . G B 2  ? 2.2343 1.3719 1.3815 0.0990  -0.0168 -0.1523 13 G B O6    
282 N N1    . G B 2  ? 2.4213 1.4469 1.6629 0.0592  -0.1810 -0.1796 13 G B N1    
283 C C2    . G B 2  ? 2.5603 1.4792 1.7692 0.0504  -0.2943 -0.2012 13 G B C2    
284 N N2    . G B 2  ? 2.5515 1.4787 1.9517 0.0138  -0.3501 -0.2061 13 G B N2    
285 N N3    . G B 2  ? 2.7147 1.5194 1.7175 0.0777  -0.3502 -0.2168 13 G B N3    
286 C C4    . G B 2  ? 2.7347 1.5481 1.5728 0.1136  -0.2723 -0.2057 13 G B C4    
287 P P     . G B 3  ? 3.1497 1.6109 1.5892 0.1249  -0.6408 -0.1649 14 G B P     
288 O OP1   . G B 3  ? 3.3971 1.7259 1.7649 0.1254  -0.7835 -0.1757 14 G B OP1   
289 O OP2   . G B 3  ? 3.0829 1.6091 1.4227 0.1475  -0.5144 -0.1303 14 G B OP2   
290 O "O5'" . G B 3  ? 2.8982 1.5178 1.6622 0.0732  -0.6209 -0.1538 14 G B "O5'" 
291 C "C5'" . G B 3  ? 2.8828 1.4900 1.8139 0.0450  -0.6973 -0.1813 14 G B "C5'" 
292 C "C4'" . G B 3  ? 2.6960 1.4607 1.8874 0.0098  -0.6209 -0.1646 14 G B "C4'" 
293 O "O4'" . G B 3  ? 2.6312 1.4488 1.7690 0.0301  -0.5018 -0.1659 14 G B "O4'" 
294 C "C3'" . G B 3  ? 2.6403 1.5257 1.9681 -0.0122 -0.5797 -0.1227 14 G B "C3'" 
295 O "O3'" . G B 3  ? 2.6921 1.5802 2.1947 -0.0459 -0.6764 -0.1200 14 G B "O3'" 
296 C "C2'" . G B 3  ? 2.4226 1.4415 1.8829 -0.0205 -0.4564 -0.1082 14 G B "C2'" 
297 O "O2'" . G B 3  ? 2.2812 1.3497 1.9762 -0.0544 -0.4734 -0.1131 14 G B "O2'" 
298 C "C1'" . G B 3  ? 2.4973 1.4625 1.7914 0.0130  -0.4056 -0.1341 14 G B "C1'" 
299 N N9    . G B 3  ? 2.5793 1.5796 1.7281 0.0449  -0.3038 -0.1173 14 G B N9    
300 C C8    . G B 3  ? 2.7370 1.6499 1.6474 0.0819  -0.3016 -0.1198 14 G B C8    
301 N N7    . G B 3  ? 2.6278 1.5999 1.4716 0.1046  -0.1953 -0.1019 14 G B N7    
302 C C5    . G B 3  ? 2.4614 1.5613 1.5012 0.0830  -0.1309 -0.0901 14 G B C5    
303 C C6    . G B 3  ? 2.2640 1.4662 1.3395 0.0944  -0.0201 -0.0718 14 G B C6    
304 O O6    . G B 3  ? 2.2266 1.4377 1.1840 0.1233  0.0483  -0.0607 14 G B O6    
305 N N1    . G B 3  ? 2.0230 1.3189 1.2996 0.0699  0.0085  -0.0664 14 G B N1    
306 C C2    . G B 3  ? 1.9842 1.2813 1.4154 0.0378  -0.0501 -0.0739 14 G B C2    
307 N N2    . G B 3  ? 1.8217 1.2064 1.4228 0.0227  0.0004  -0.0641 14 G B N2    
308 N N3    . G B 3  ? 2.1249 1.3378 1.5472 0.0238  -0.1510 -0.0897 14 G B N3    
309 C C4    . G B 3  ? 2.4018 1.5169 1.6217 0.0479  -0.1916 -0.0986 14 G B C4    
310 P P     . G B 4  ? 2.7602 1.6430 2.2498 -0.0518 -0.7332 -0.0939 15 G B P     
311 O OP1   . G B 4  ? 2.8912 1.6893 2.4614 -0.0700 -0.8799 -0.1148 15 G B OP1   
312 O OP2   . G B 4  ? 2.9066 1.7380 2.1382 -0.0145 -0.6907 -0.0808 15 G B OP2   
313 O "O5'" . G B 4  ? 2.5250 1.5731 2.2431 -0.0803 -0.6540 -0.0575 15 G B "O5'" 
314 C "C5'" . G B 4  ? 2.3238 1.4596 2.2624 -0.1045 -0.6087 -0.0595 15 G B "C5'" 
315 C "C4'" . G B 4  ? 2.2351 1.5023 2.2477 -0.1046 -0.4823 -0.0286 15 G B "C4'" 
316 O "O4'" . G B 4  ? 2.2858 1.5443 2.1077 -0.0717 -0.3991 -0.0309 15 G B "O4'" 
317 C "C3'" . G B 4  ? 2.2227 1.5581 2.2896 -0.1134 -0.4763 0.0077  15 G B "C3'" 
318 O "O3'" . G B 4  ? 2.0981 1.5544 2.3446 -0.1266 -0.3931 0.0300  15 G B "O3'" 
319 C "C2'" . G B 4  ? 2.2439 1.5568 2.0841 -0.0826 -0.4274 0.0199  15 G B "C2'" 
320 O "O2'" . G B 4  ? 2.1146 1.5149 1.9907 -0.0847 -0.3725 0.0569  15 G B "O2'" 
321 C "C1'" . G B 4  ? 2.1870 1.5032 1.9541 -0.0619 -0.3444 0.0019  15 G B "C1'" 
322 N N9    . G B 4  ? 2.2459 1.4979 1.7718 -0.0268 -0.3134 -0.0025 15 G B N9    
323 C C8    . G B 4  ? 2.4695 1.6003 1.8001 -0.0078 -0.3806 -0.0122 15 G B C8    
324 N N7    . G B 4  ? 2.5548 1.6515 1.6935 0.0263  -0.3180 -0.0109 15 G B N7    
325 C C5    . G B 4  ? 2.3578 1.5645 1.5812 0.0280  -0.2097 -0.0016 15 G B C5    
326 C C6    . G B 4  ? 2.3056 1.5367 1.4205 0.0582  -0.1089 0.0029  15 G B C6    
327 O O6    . G B 4  ? 2.4377 1.6003 1.3560 0.0905  -0.0843 0.0021  15 G B O6    
328 N N1    . G B 4  ? 2.0966 1.4406 1.3582 0.0507  -0.0310 0.0093  15 G B N1    
329 C C2    . G B 4  ? 1.9172 1.3335 1.3857 0.0211  -0.0402 0.0127  15 G B C2    
330 N N2    . G B 4  ? 1.7753 1.2784 1.3358 0.0249  0.0422  0.0180  15 G B N2    
331 N N3    . G B 4  ? 1.9278 1.3270 1.5040 -0.0071 -0.1230 0.0112  15 G B N3    
332 C C4    . G B 4  ? 2.1501 1.4470 1.6014 -0.0031 -0.2076 0.0031  15 G B C4    
333 P P     . A B 5  ? 1.9879 1.5137 2.4538 -0.1548 -0.4252 0.0538  16 A B P     
334 O OP1   . A B 5  ? 1.9770 1.4634 2.5937 -0.1784 -0.5073 0.0329  16 A B OP1   
335 O OP2   . A B 5  ? 1.8931 1.4167 2.2738 -0.1503 -0.4567 0.0767  16 A B OP2   
336 O "O5'" . A B 5  ? 1.8527 1.4906 2.4479 -0.1547 -0.3091 0.0747  16 A B "O5'" 
337 C "C5'" . A B 5  ? 1.6353 1.2930 2.3565 -0.1613 -0.2636 0.0635  16 A B "C5'" 
338 C "C4'" . A B 5  ? 1.4176 1.1573 2.1840 -0.1483 -0.1495 0.0829  16 A B "C4'" 
339 O "O4'" . A B 5  ? 1.4570 1.1850 2.0378 -0.1202 -0.0929 0.0759  16 A B "O4'" 
340 C "C3'" . A B 5  ? 1.3962 1.2121 2.2438 -0.1508 -0.1294 0.1165  16 A B "C3'" 
341 O "O3'" . A B 5  ? 1.2997 1.1758 2.2695 -0.1455 -0.0451 0.1301  16 A B "O3'" 
342 C "C2'" . A B 5  ? 1.4755 1.2961 2.1405 -0.1288 -0.1011 0.1257  16 A B "C2'" 
343 O "O2'" . A B 5  ? 1.3372 1.2319 2.0440 -0.1212 -0.0479 0.1544  16 A B "O2'" 
344 C "C1'" . A B 5  ? 1.4350 1.2249 1.9856 -0.1080 -0.0454 0.1028  16 A B "C1'" 
345 N N9    . A B 5  ? 1.4396 1.1971 1.7912 -0.0875 -0.0390 0.0991  16 A B N9    
346 C C8    . A B 5  ? 1.6011 1.2879 1.8180 -0.0864 -0.1065 0.0922  16 A B C8    
347 N N7    . A B 5  ? 1.6423 1.3125 1.6923 -0.0626 -0.0684 0.0943  16 A B N7    
348 C C5    . A B 5  ? 1.5488 1.2888 1.6390 -0.0490 0.0229  0.1011  16 A B C5    
349 C C6    . A B 5  ? 1.5634 1.3272 1.5553 -0.0230 0.0965  0.1058  16 A B C6    
350 N N6    . A B 5  ? 1.6018 1.3244 1.4300 -0.0057 0.1007  0.1075  16 A B N6    
351 N N1    . A B 5  ? 1.4242 1.2507 1.4939 -0.0128 0.1667  0.1090  16 A B N1    
352 C C2    . A B 5  ? 1.3587 1.2150 1.5787 -0.0257 0.1699  0.1096  16 A B C2    
353 N N3    . A B 5  ? 1.3734 1.2164 1.7023 -0.0504 0.1160  0.1086  16 A B N3    
354 C C4    . A B 5  ? 1.4407 1.2281 1.7042 -0.0624 0.0397  0.1034  16 A B C4    
355 P P     . G B 6  ? 1.6808 2.4403 2.2004 -0.4150 0.1041  0.3483  17 G B P     
356 O OP1   . G B 6  ? 1.6855 2.5793 2.3080 -0.4461 0.0442  0.3868  17 G B OP1   
357 O OP2   . G B 6  ? 1.6291 2.2863 2.2163 -0.3626 0.1296  0.3389  17 G B OP2   
358 O "O5'" . G B 6  ? 1.6448 2.3498 2.0403 -0.4427 0.1723  0.2621  17 G B "O5'" 
359 C "C5'" . G B 6  ? 1.6465 2.2078 1.9588 -0.4188 0.2348  0.2067  17 G B "C5'" 
360 C "C4'" . G B 6  ? 1.6294 2.1502 1.7961 -0.4275 0.2499  0.1900  17 G B "C4'" 
361 O "O4'" . G B 6  ? 1.6520 2.2140 1.8248 -0.4126 0.2048  0.2571  17 G B "O4'" 
362 C "C3'" . G B 6  ? 1.6698 2.0304 1.7453 -0.4026 0.3055  0.1352  17 G B "C3'" 
363 O "O3'" . G B 6  ? 1.8093 2.1152 1.8182 -0.4300 0.3509  0.0622  17 G B "O3'" 
364 C "C2'" . G B 6  ? 1.7053 2.0570 1.6922 -0.3960 0.2934  0.1503  17 G B "C2'" 
365 O "O2'" . G B 6  ? 1.7169 2.1208 1.6157 -0.4382 0.2987  0.1130  17 G B "O2'" 
366 C "C1'" . G B 6  ? 1.6597 2.1221 1.7324 -0.3904 0.2328  0.2356  17 G B "C1'" 
367 N N9    . G B 6  ? 1.5161 1.9088 1.6481 -0.3396 0.2244  0.2755  17 G B N9    
368 C C8    . G B 6  ? 1.4780 1.8908 1.7425 -0.3165 0.1991  0.3162  17 G B C8    
369 N N7    . G B 6  ? 1.4982 1.8361 1.7912 -0.2717 0.1972  0.3434  17 G B N7    
370 C C5    . G B 6  ? 1.4652 1.7283 1.6357 -0.2649 0.2222  0.3212  17 G B C5    
371 C C6    . G B 6  ? 1.5260 1.6902 1.6662 -0.2235 0.2307  0.3347  17 G B C6    
372 O O6    . G B 6  ? 1.5949 1.7167 1.8077 -0.1846 0.2189  0.3713  17 G B O6    
373 N N1    . G B 6  ? 1.4723 1.5875 1.4894 -0.2297 0.2538  0.2977  17 G B N1    
374 C C2    . G B 6  ? 1.5062 1.6623 1.4420 -0.2703 0.2676  0.2506  17 G B C2    
375 N N2    . G B 6  ? 1.5256 1.6256 1.3607 -0.2680 0.2868  0.2124  17 G B N2    
376 N N3    . G B 6  ? 1.5677 1.8149 1.5253 -0.3103 0.2615  0.2387  17 G B N3    
377 C C4    . G B 6  ? 1.4992 1.7954 1.5737 -0.3054 0.2385  0.2769  17 G B C4    
378 P P     . C B 7  ? 1.8884 2.0251 1.8498 -0.4127 0.4059  0.0067  18 C B P     
379 O OP1   . C B 7  ? 1.9409 2.0514 1.8366 -0.4551 0.4401  -0.0603 18 C B OP1   
380 O OP2   . C B 7  ? 1.9078 2.0207 1.9795 -0.3802 0.4069  0.0335  18 C B OP2   
381 O "O5'" . C B 7  ? 1.8141 1.8464 1.6714 -0.3870 0.4121  0.0007  18 C B "O5'" 
382 C "C5'" . C B 7  ? 1.7195 1.7486 1.4704 -0.4089 0.4148  -0.0357 18 C B "C5'" 
383 C "C4'" . C B 7  ? 1.7122 1.6341 1.3914 -0.3764 0.4195  -0.0429 18 C B "C4'" 
384 O "O4'" . C B 7  ? 1.7025 1.6857 1.4367 -0.3471 0.3857  0.0240  18 C B "O4'" 
385 C "C3'" . C B 7  ? 1.7892 1.5382 1.4376 -0.3506 0.4507  -0.0676 18 C B "C3'" 
386 O "O3'" . C B 7  ? 1.9084 1.5514 1.4648 -0.3763 0.4800  -0.1359 18 C B "O3'" 
387 C "C2'" . C B 7  ? 1.7727 1.4712 1.4003 -0.3093 0.4359  -0.0404 18 C B "C2'" 
388 O "O2'" . C B 7  ? 1.8774 1.5353 1.4111 -0.3154 0.4369  -0.0849 18 C B "O2'" 
389 C "C1'" . C B 7  ? 1.7547 1.6107 1.4642 -0.3048 0.3962  0.0275  18 C B "C1'" 
390 N N1    . C B 7  ? 1.6831 1.5405 1.4930 -0.2734 0.3846  0.0833  18 C B N1    
391 C C2    . C B 7  ? 1.6983 1.4635 1.5024 -0.2300 0.3840  0.1062  18 C B C2    
392 O O2    . C B 7  ? 1.8026 1.4926 1.5209 -0.2201 0.3917  0.0794  18 C B O2    
393 N N3    . C B 7  ? 1.6261 1.3886 1.5240 -0.2000 0.3730  0.1540  18 C B N3    
394 C C4    . C B 7  ? 1.7473 1.5956 1.7488 -0.2107 0.3613  0.1753  18 C B C4    
395 N N4    . C B 7  ? 1.8604 1.7047 1.9640 -0.1784 0.3481  0.2170  18 C B N4    
396 C C5    . C B 7  ? 1.6803 1.6235 1.6929 -0.2541 0.3604  0.1523  18 C B C5    
397 C C6    . C B 7  ? 1.6007 1.5445 1.5120 -0.2851 0.3732  0.1082  18 C B C6    
398 P P     . U B 8  ? 2.0448 1.5373 1.5776 -0.3801 0.5165  -0.1668 19 U B P     
399 O OP1   . U B 8  ? 2.3979 1.7933 1.8198 -0.4140 0.5328  -0.2330 19 U B OP1   
400 O OP2   . U B 8  ? 1.9622 1.5287 1.5991 -0.3890 0.5260  -0.1459 19 U B OP2   
401 O "O5'" . U B 8  ? 2.0458 1.4190 1.5656 -0.3330 0.5150  -0.1429 19 U B "O5'" 
402 C "C5'" . U B 8  ? 2.0412 1.3305 1.4806 -0.3137 0.5035  -0.1593 19 U B "C5'" 
403 C "C4'" . U B 8  ? 2.1048 1.3183 1.5606 -0.2661 0.4969  -0.1218 19 U B "C4'" 
404 O "O4'" . U B 8  ? 2.1135 1.4514 1.6764 -0.2419 0.4774  -0.0562 19 U B "O4'" 
405 C "C3'" . U B 8  ? 2.1940 1.2567 1.6299 -0.2614 0.5231  -0.1308 19 U B "C3'" 
406 O "O3'" . U B 8  ? 2.3668 1.2659 1.6903 -0.2743 0.5312  -0.1802 19 U B "O3'" 
407 C "C2'" . U B 8  ? 2.1879 1.2500 1.6862 -0.2122 0.5103  -0.0741 19 U B "C2'" 
408 O "O2'" . U B 8  ? 2.2940 1.2650 1.7296 -0.1833 0.4956  -0.0770 19 U B "O2'" 
409 C "C1'" . U B 8  ? 2.0956 1.3478 1.6884 -0.2052 0.4826  -0.0258 19 U B "C1'" 
410 N N1    . U B 8  ? 1.8808 1.2105 1.5892 -0.2014 0.4842  0.0109  19 U B N1    
411 C C2    . U B 8  ? 1.9717 1.2576 1.7361 -0.1621 0.4812  0.0506  19 U B C2    
412 O O2    . U B 8  ? 2.0500 1.2362 1.7643 -0.1334 0.4789  0.0575  19 U B O2    
413 N N3    . U B 8  ? 1.9986 1.3583 1.8840 -0.1565 0.4795  0.0784  19 U B N3    
414 C C4    . U B 8  ? 2.0120 1.4871 1.9681 -0.1864 0.4784  0.0706  19 U B C4    
415 O O4    . U B 8  ? 2.0371 1.5718 2.1137 -0.1757 0.4728  0.0931  19 U B O4    
416 C C5    . U B 8  ? 1.9280 1.4421 1.8133 -0.2275 0.4824  0.0328  19 U B C5    
417 C C6    . U B 8  ? 1.8359 1.2785 1.6025 -0.2338 0.4855  0.0045  19 U B C6    
# 
